data_4USQ
#
_entry.id   4USQ
#
_cell.length_a   115.410
_cell.length_b   95.090
_cell.length_c   92.370
_cell.angle_alpha   90.00
_cell.angle_beta   126.26
_cell.angle_gamma   90.00
#
_symmetry.space_group_name_H-M   'C 1 2 1'
#
loop_
_entity.id
_entity.type
_entity.pdbx_description
1 polymer 'PYRIDINE NUCLEOTIDE-DISULFIDE OXIDOREDUCTASE'
2 non-polymer 'FLAVIN-ADENINE DINUCLEOTIDE'
3 water water
#
_entity_poly.entity_id   1
_entity_poly.type   'polypeptide(L)'
_entity_poly.pdbx_seq_one_letter_code
;MDTPVMDSTDTDSTDIVIIGGGQAALSVAYYLRRSKYSFVMLDAEQTPGGAWLHGWDSLRLFSPSTWSSLSGWQMPPTGE
TYPSRDQVVDYLRHYESRYEFPVQRPVWVSAVNNLGDRLEVVSERQQWRARVVISATGTWRNPFIPAYPGADLFQGAQLH
SAHYQSPAPFAGQKVLVVGGGNSGAQILAEVSRVADCTWVTTSEPIFLPDDVDGRVLFQRATDRWKAAQEGREIEQPVGG
LGDVVMVPPVKEARERGALHAVRPFTRFTANGVVWADGTGSAVDAVIWCTGFRPALAHLQSLGVINPDGKVDLAGTRSLQ
EPRLWLLGYGEWTGLASATLIGVGRSARATAEEIIQYLDSA
;
_entity_poly.pdbx_strand_id   A,F
#
loop_
_chem_comp.id
_chem_comp.type
_chem_comp.name
_chem_comp.formula
FAD non-polymer 'FLAVIN-ADENINE DINUCLEOTIDE' 'C27 H33 N9 O15 P2'
#
# COMPACT_ATOMS: atom_id res chain seq x y z
N SER A 13 -21.13 -14.94 3.55
CA SER A 13 -20.37 -15.82 4.51
C SER A 13 -19.96 -17.18 3.89
N THR A 14 -18.93 -17.12 3.04
CA THR A 14 -18.31 -18.28 2.34
C THR A 14 -17.02 -18.78 3.02
N ASP A 15 -16.49 -19.92 2.58
CA ASP A 15 -15.24 -20.49 3.13
C ASP A 15 -13.97 -19.83 2.63
N ILE A 16 -13.89 -19.61 1.32
CA ILE A 16 -12.67 -19.05 0.76
C ILE A 16 -13.02 -17.83 -0.06
N VAL A 17 -12.36 -16.71 0.24
CA VAL A 17 -12.45 -15.55 -0.63
C VAL A 17 -11.12 -15.50 -1.40
N ILE A 18 -11.23 -15.45 -2.72
CA ILE A 18 -10.09 -15.26 -3.58
C ILE A 18 -10.18 -13.82 -4.01
N ILE A 19 -9.23 -13.01 -3.59
CA ILE A 19 -9.24 -11.59 -3.97
C ILE A 19 -8.46 -11.44 -5.25
N GLY A 20 -9.14 -10.98 -6.30
CA GLY A 20 -8.51 -10.80 -7.59
C GLY A 20 -9.01 -11.91 -8.45
N GLY A 21 -9.04 -11.67 -9.77
CA GLY A 21 -9.63 -12.61 -10.71
C GLY A 21 -8.81 -12.74 -11.96
N GLY A 22 -7.50 -12.72 -11.80
CA GLY A 22 -6.58 -12.87 -12.92
C GLY A 22 -6.17 -14.30 -13.01
N GLN A 23 -5.18 -14.58 -13.83
CA GLN A 23 -4.80 -15.96 -14.03
C GLN A 23 -4.44 -16.71 -12.72
N ALA A 24 -4.02 -16.01 -11.68
CA ALA A 24 -3.58 -16.72 -10.50
C ALA A 24 -4.81 -17.18 -9.78
N ALA A 25 -5.78 -16.27 -9.65
CA ALA A 25 -7.04 -16.58 -9.01
C ALA A 25 -7.67 -17.75 -9.71
N LEU A 26 -7.72 -17.67 -11.04
CA LEU A 26 -8.32 -18.72 -11.85
C LEU A 26 -7.69 -20.04 -11.58
N SER A 27 -6.36 -20.03 -11.55
CA SER A 27 -5.57 -21.23 -11.27
C SER A 27 -5.94 -21.85 -9.93
N VAL A 28 -5.95 -21.08 -8.88
CA VAL A 28 -6.28 -21.69 -7.60
C VAL A 28 -7.75 -22.09 -7.59
N ALA A 29 -8.60 -21.37 -8.31
CA ALA A 29 -10.02 -21.73 -8.38
C ALA A 29 -10.25 -23.07 -9.06
N TYR A 30 -9.47 -23.35 -10.12
CA TYR A 30 -9.51 -24.66 -10.78
C TYR A 30 -9.31 -25.79 -9.79
N TYR A 31 -8.39 -25.59 -8.85
CA TYR A 31 -8.02 -26.61 -7.88
C TYR A 31 -8.92 -26.71 -6.64
N LEU A 32 -9.70 -25.68 -6.35
CA LEU A 32 -10.67 -25.72 -5.24
C LEU A 32 -12.10 -26.11 -5.63
N ARG A 33 -12.52 -25.81 -6.87
CA ARG A 33 -13.94 -25.99 -7.27
C ARG A 33 -14.51 -27.37 -7.12
N ARG A 34 -13.67 -28.40 -7.15
CA ARG A 34 -14.17 -29.76 -7.00
C ARG A 34 -14.35 -30.11 -5.52
N SER A 35 -13.72 -29.34 -4.65
CA SER A 35 -13.81 -29.56 -3.21
C SER A 35 -15.21 -29.14 -2.63
N LYS A 36 -15.39 -29.47 -1.33
CA LYS A 36 -16.63 -29.26 -0.55
C LYS A 36 -16.92 -27.78 -0.29
N TYR A 37 -15.84 -27.04 -0.16
CA TYR A 37 -15.89 -25.73 0.43
C TYR A 37 -16.33 -24.67 -0.56
N SER A 38 -17.08 -23.70 -0.05
CA SER A 38 -17.55 -22.61 -0.88
C SER A 38 -16.42 -21.63 -1.16
N PHE A 39 -16.53 -20.95 -2.29
CA PHE A 39 -15.67 -19.79 -2.50
C PHE A 39 -16.31 -18.79 -3.42
N VAL A 40 -15.87 -17.55 -3.30
CA VAL A 40 -16.20 -16.53 -4.27
C VAL A 40 -14.91 -15.84 -4.68
N MET A 41 -14.90 -15.32 -5.89
CA MET A 41 -13.75 -14.62 -6.39
C MET A 41 -14.17 -13.19 -6.59
N LEU A 42 -13.42 -12.25 -6.06
CA LEU A 42 -13.72 -10.84 -6.25
C LEU A 42 -12.64 -10.27 -7.15
N ASP A 43 -13.02 -9.55 -8.19
CA ASP A 43 -12.03 -8.97 -9.11
C ASP A 43 -12.41 -7.56 -9.44
N ALA A 44 -11.38 -6.72 -9.59
CA ALA A 44 -11.54 -5.28 -9.88
C ALA A 44 -11.87 -4.88 -11.32
N GLU A 45 -11.70 -5.78 -12.28
CA GLU A 45 -11.91 -5.42 -13.70
C GLU A 45 -13.37 -5.45 -14.12
N GLN A 46 -13.67 -4.88 -15.27
CA GLN A 46 -15.04 -4.86 -15.81
C GLN A 46 -15.43 -6.22 -16.38
N THR A 47 -14.44 -6.91 -16.92
CA THR A 47 -14.62 -8.15 -17.62
C THR A 47 -13.53 -9.06 -17.15
N PRO A 48 -13.53 -10.32 -17.62
CA PRO A 48 -12.40 -11.19 -17.32
C PRO A 48 -11.20 -10.71 -18.04
N GLY A 49 -10.03 -11.05 -17.52
CA GLY A 49 -8.81 -10.74 -18.21
C GLY A 49 -7.62 -10.42 -17.36
N GLY A 50 -7.80 -10.03 -16.10
CA GLY A 50 -6.67 -9.69 -15.24
C GLY A 50 -5.92 -8.51 -15.85
N ALA A 51 -4.64 -8.40 -15.52
CA ALA A 51 -3.81 -7.30 -15.98
C ALA A 51 -3.74 -7.24 -17.50
N TRP A 52 -4.03 -8.35 -18.15
CA TRP A 52 -3.92 -8.48 -19.59
C TRP A 52 -4.76 -7.47 -20.30
N LEU A 53 -5.89 -7.11 -19.69
CA LEU A 53 -6.77 -6.04 -20.17
C LEU A 53 -6.08 -4.69 -20.25
N HIS A 54 -4.91 -4.57 -19.60
CA HIS A 54 -4.14 -3.33 -19.53
C HIS A 54 -2.81 -3.45 -20.20
N GLY A 55 -2.62 -4.49 -21.01
CA GLY A 55 -1.39 -4.59 -21.79
C GLY A 55 -1.48 -3.62 -22.96
N TRP A 56 -0.35 -3.24 -23.49
CA TRP A 56 -0.34 -2.39 -24.67
C TRP A 56 -0.91 -3.11 -25.90
N ASP A 57 -1.24 -2.36 -26.91
CA ASP A 57 -1.92 -2.90 -28.10
C ASP A 57 -1.27 -4.13 -28.74
N SER A 58 0.05 -4.05 -28.91
CA SER A 58 0.80 -5.04 -29.65
C SER A 58 1.34 -6.10 -28.74
N LEU A 59 1.10 -5.98 -27.45
CA LEU A 59 1.62 -6.95 -26.52
C LEU A 59 1.26 -8.36 -26.95
N ARG A 60 2.29 -9.21 -27.03
CA ARG A 60 2.11 -10.64 -27.18
C ARG A 60 2.93 -11.29 -26.07
N LEU A 61 2.61 -12.55 -25.79
CA LEU A 61 3.36 -13.31 -24.80
C LEU A 61 4.72 -13.65 -25.35
N PHE A 62 5.65 -14.11 -24.53
CA PHE A 62 6.99 -14.44 -25.03
C PHE A 62 7.22 -15.95 -25.20
N SER A 63 6.13 -16.71 -25.18
CA SER A 63 6.17 -18.13 -25.42
C SER A 63 4.80 -18.57 -25.96
N PRO A 64 4.75 -19.67 -26.73
CA PRO A 64 3.51 -20.06 -27.38
C PRO A 64 2.43 -20.45 -26.37
N SER A 65 1.23 -20.65 -26.88
CA SER A 65 0.08 -21.01 -26.08
C SER A 65 0.33 -22.22 -25.19
N THR A 66 1.11 -23.19 -25.67
CA THR A 66 1.41 -24.43 -24.90
C THR A 66 2.25 -24.10 -23.68
N TRP A 67 3.02 -23.03 -23.77
CA TRP A 67 3.88 -22.60 -22.67
C TRP A 67 3.26 -21.37 -22.00
N SER A 68 1.94 -21.22 -22.15
CA SER A 68 1.19 -20.11 -21.61
C SER A 68 -0.24 -20.53 -21.23
N SER A 69 -0.34 -21.74 -20.71
CA SER A 69 -1.60 -22.36 -20.39
C SER A 69 -1.70 -22.56 -18.92
N LEU A 70 -2.91 -22.35 -18.42
CA LEU A 70 -3.24 -22.67 -17.05
C LEU A 70 -3.57 -24.14 -16.98
N SER A 71 -3.75 -24.63 -15.77
CA SER A 71 -4.01 -26.02 -15.55
C SER A 71 -5.35 -26.38 -16.21
N GLY A 72 -5.46 -27.66 -16.58
CA GLY A 72 -6.68 -28.18 -17.14
C GLY A 72 -6.76 -27.86 -18.60
N TRP A 73 -7.24 -26.66 -18.87
CA TRP A 73 -7.57 -26.27 -20.21
C TRP A 73 -6.45 -25.46 -20.85
N GLN A 74 -5.84 -26.05 -21.86
CA GLN A 74 -4.72 -25.43 -22.54
C GLN A 74 -5.24 -24.22 -23.27
N MET A 75 -4.37 -23.24 -23.45
CA MET A 75 -4.73 -22.12 -24.31
C MET A 75 -4.78 -22.64 -25.74
N PRO A 76 -5.89 -22.38 -26.45
CA PRO A 76 -5.99 -22.67 -27.88
C PRO A 76 -4.82 -22.06 -28.62
N PRO A 77 -4.25 -22.82 -29.56
CA PRO A 77 -3.13 -22.42 -30.42
C PRO A 77 -3.36 -21.11 -31.15
N THR A 78 -2.25 -20.50 -31.53
CA THR A 78 -2.26 -19.27 -32.26
C THR A 78 -1.40 -19.48 -33.49
N GLY A 79 -1.86 -18.88 -34.59
CA GLY A 79 -1.39 -19.23 -35.91
C GLY A 79 -0.16 -18.49 -36.35
N GLU A 80 1.03 -19.06 -36.05
CA GLU A 80 2.32 -18.53 -36.56
C GLU A 80 2.79 -17.24 -35.78
N THR A 81 2.15 -16.95 -34.64
CA THR A 81 2.45 -15.80 -33.80
C THR A 81 2.23 -16.19 -32.31
N TYR A 82 3.18 -15.89 -31.42
CA TYR A 82 2.95 -15.94 -29.96
C TYR A 82 1.57 -15.30 -29.66
N PRO A 83 0.78 -15.89 -28.75
CA PRO A 83 -0.51 -15.35 -28.29
C PRO A 83 -0.58 -13.81 -28.01
N SER A 84 -1.65 -13.19 -28.49
CA SER A 84 -1.87 -11.78 -28.31
C SER A 84 -2.60 -11.56 -27.02
N ARG A 85 -2.60 -10.29 -26.63
CA ARG A 85 -3.20 -9.84 -25.41
C ARG A 85 -4.66 -10.23 -25.39
N ASP A 86 -5.34 -9.88 -26.47
CA ASP A 86 -6.73 -10.20 -26.59
C ASP A 86 -6.90 -11.72 -26.52
N GLN A 87 -6.03 -12.46 -27.17
CA GLN A 87 -6.09 -13.92 -27.09
C GLN A 87 -5.91 -14.45 -25.64
N VAL A 88 -5.01 -13.82 -24.86
CA VAL A 88 -4.85 -14.20 -23.47
C VAL A 88 -6.12 -13.82 -22.68
N VAL A 89 -6.61 -12.61 -22.89
CA VAL A 89 -7.82 -12.18 -22.23
C VAL A 89 -8.94 -13.17 -22.56
N ASP A 90 -9.18 -13.39 -23.86
CA ASP A 90 -10.10 -14.41 -24.34
C ASP A 90 -9.99 -15.72 -23.59
N TYR A 91 -8.79 -16.27 -23.53
CA TYR A 91 -8.61 -17.53 -22.88
C TYR A 91 -8.96 -17.47 -21.39
N LEU A 92 -8.57 -16.40 -20.70
CA LEU A 92 -8.99 -16.24 -19.31
C LEU A 92 -10.50 -16.12 -19.25
N ARG A 93 -11.09 -15.34 -20.15
CA ARG A 93 -12.52 -15.19 -20.16
C ARG A 93 -13.18 -16.55 -20.28
N HIS A 94 -12.79 -17.31 -21.30
CA HIS A 94 -13.34 -18.64 -21.55
C HIS A 94 -13.01 -19.66 -20.47
N TYR A 95 -11.85 -19.50 -19.86
CA TYR A 95 -11.36 -20.43 -18.85
C TYR A 95 -12.21 -20.25 -17.63
N GLU A 96 -12.40 -19.00 -17.25
CA GLU A 96 -13.27 -18.67 -16.11
C GLU A 96 -14.72 -19.22 -16.30
N SER A 97 -15.20 -19.12 -17.52
CA SER A 97 -16.54 -19.53 -17.82
C SER A 97 -16.63 -21.05 -17.93
N ARG A 98 -15.58 -21.66 -18.45
CA ARG A 98 -15.55 -23.09 -18.66
C ARG A 98 -15.69 -23.84 -17.37
N TYR A 99 -15.00 -23.36 -16.35
CA TYR A 99 -15.06 -23.99 -15.04
C TYR A 99 -16.09 -23.30 -14.14
N GLU A 100 -16.82 -22.34 -14.70
CA GLU A 100 -17.97 -21.73 -14.06
C GLU A 100 -17.61 -21.11 -12.72
N PHE A 101 -16.49 -20.42 -12.69
CA PHE A 101 -16.07 -19.78 -11.48
C PHE A 101 -17.05 -18.65 -11.16
N PRO A 102 -17.46 -18.53 -9.87
CA PRO A 102 -18.32 -17.44 -9.44
C PRO A 102 -17.43 -16.24 -9.08
N VAL A 103 -17.34 -15.32 -10.01
CA VAL A 103 -16.50 -14.17 -9.86
C VAL A 103 -17.41 -12.98 -9.82
N GLN A 104 -17.23 -12.14 -8.83
CA GLN A 104 -17.95 -10.89 -8.77
C GLN A 104 -17.03 -9.82 -9.31
N ARG A 105 -17.49 -9.11 -10.35
CA ARG A 105 -16.78 -8.01 -11.01
C ARG A 105 -17.75 -6.92 -11.36
N PRO A 106 -17.34 -5.65 -11.37
CA PRO A 106 -16.06 -5.18 -10.83
C PRO A 106 -16.20 -4.96 -9.33
N VAL A 107 -15.20 -5.38 -8.59
CA VAL A 107 -15.21 -5.24 -7.15
C VAL A 107 -13.82 -4.88 -6.71
N TRP A 108 -13.69 -3.76 -6.03
CA TRP A 108 -12.46 -3.37 -5.47
C TRP A 108 -12.42 -3.75 -3.99
N VAL A 109 -11.58 -4.71 -3.66
CA VAL A 109 -11.32 -5.06 -2.28
C VAL A 109 -10.37 -4.03 -1.64
N SER A 110 -10.85 -3.35 -0.63
CA SER A 110 -10.10 -2.31 0.03
C SER A 110 -9.32 -2.79 1.22
N ALA A 111 -9.77 -3.84 1.85
CA ALA A 111 -9.11 -4.33 3.06
C ALA A 111 -9.54 -5.72 3.41
N VAL A 112 -8.68 -6.42 4.13
CA VAL A 112 -8.97 -7.70 4.69
C VAL A 112 -8.79 -7.57 6.18
N ASN A 113 -9.84 -7.89 6.92
CA ASN A 113 -9.92 -7.59 8.32
C ASN A 113 -10.04 -8.84 9.11
N ASN A 114 -9.27 -8.92 10.21
CA ASN A 114 -9.37 -10.05 11.08
C ASN A 114 -10.47 -9.89 12.11
N LEU A 115 -11.63 -10.52 11.89
CA LEU A 115 -12.73 -10.46 12.87
C LEU A 115 -12.74 -11.58 13.90
N GLY A 116 -11.60 -12.21 14.12
CA GLY A 116 -11.53 -13.30 15.09
C GLY A 116 -11.50 -14.59 14.34
N ASP A 117 -12.65 -15.25 14.20
CA ASP A 117 -12.66 -16.57 13.60
C ASP A 117 -13.08 -16.54 12.11
N ARG A 118 -13.32 -15.35 11.58
CA ARG A 118 -13.43 -15.20 10.15
C ARG A 118 -12.49 -14.08 9.82
N LEU A 119 -12.01 -14.05 8.58
CA LEU A 119 -11.50 -12.83 7.96
C LEU A 119 -12.67 -12.16 7.24
N GLU A 120 -12.68 -10.84 7.28
CA GLU A 120 -13.65 -10.05 6.56
C GLU A 120 -12.92 -9.46 5.35
N VAL A 121 -13.50 -9.64 4.17
CA VAL A 121 -13.02 -9.05 2.94
C VAL A 121 -14.01 -7.98 2.58
N VAL A 122 -13.51 -6.77 2.38
CA VAL A 122 -14.35 -5.59 2.37
C VAL A 122 -14.20 -4.89 1.05
N SER A 123 -15.33 -4.53 0.46
CA SER A 123 -15.37 -3.56 -0.65
C SER A 123 -16.37 -2.47 -0.27
N GLU A 124 -16.52 -1.42 -1.08
CA GLU A 124 -17.50 -0.36 -0.80
C GLU A 124 -18.93 -0.89 -0.47
N ARG A 125 -19.50 -1.65 -1.40
CA ARG A 125 -20.92 -2.02 -1.31
C ARG A 125 -21.19 -3.34 -0.56
N GLN A 126 -20.16 -4.19 -0.44
CA GLN A 126 -20.33 -5.54 0.12
C GLN A 126 -19.14 -5.96 0.99
N GLN A 127 -19.42 -6.84 1.96
CA GLN A 127 -18.41 -7.51 2.77
C GLN A 127 -18.59 -9.01 2.64
N TRP A 128 -17.50 -9.77 2.82
CA TRP A 128 -17.59 -11.23 2.87
C TRP A 128 -16.84 -11.75 4.08
N ARG A 129 -17.52 -12.59 4.83
CA ARG A 129 -16.92 -13.24 5.96
C ARG A 129 -16.34 -14.56 5.40
N ALA A 130 -15.06 -14.86 5.71
CA ALA A 130 -14.42 -16.06 5.13
C ALA A 130 -13.56 -16.78 6.09
N ARG A 131 -13.41 -18.10 5.92
CA ARG A 131 -12.50 -18.87 6.78
C ARG A 131 -11.08 -18.73 6.24
N VAL A 132 -10.94 -18.42 4.95
CA VAL A 132 -9.64 -18.40 4.26
C VAL A 132 -9.63 -17.34 3.18
N VAL A 133 -8.49 -16.71 3.01
CA VAL A 133 -8.37 -15.72 1.97
C VAL A 133 -7.13 -16.00 1.17
N ILE A 134 -7.34 -15.94 -0.14
CA ILE A 134 -6.30 -16.06 -1.09
C ILE A 134 -6.23 -14.74 -1.81
N SER A 135 -5.04 -14.17 -1.80
CA SER A 135 -4.79 -12.87 -2.36
C SER A 135 -4.07 -13.22 -3.64
N ALA A 136 -4.69 -12.93 -4.78
CA ALA A 136 -4.07 -13.19 -6.04
C ALA A 136 -4.25 -11.99 -6.93
N THR A 137 -3.75 -10.87 -6.47
CA THR A 137 -4.01 -9.58 -7.08
C THR A 137 -2.94 -9.07 -8.00
N GLY A 138 -1.91 -9.89 -8.22
CA GLY A 138 -0.87 -9.57 -9.17
C GLY A 138 -0.06 -8.36 -8.75
N THR A 139 0.39 -7.62 -9.75
CA THR A 139 1.37 -6.54 -9.55
C THR A 139 1.04 -5.30 -10.30
N TRP A 140 0.21 -5.40 -11.34
CA TRP A 140 -0.03 -4.30 -12.28
C TRP A 140 -0.45 -3.02 -11.65
N ARG A 141 -1.21 -3.12 -10.57
CA ARG A 141 -1.81 -1.95 -9.92
C ARG A 141 -0.84 -1.30 -8.98
N ASN A 142 0.38 -1.86 -8.88
CA ASN A 142 1.42 -1.28 -8.06
C ASN A 142 2.72 -1.09 -8.80
N PRO A 143 2.68 -0.35 -9.91
CA PRO A 143 3.86 -0.03 -10.68
C PRO A 143 4.89 0.69 -9.86
N PHE A 144 6.14 0.48 -10.22
CA PHE A 144 7.27 1.13 -9.59
C PHE A 144 7.91 2.11 -10.56
N ILE A 145 8.15 3.32 -10.11
CA ILE A 145 8.94 4.30 -10.79
C ILE A 145 9.96 4.76 -9.76
N PRO A 146 11.27 4.51 -10.01
CA PRO A 146 12.25 4.98 -9.02
C PRO A 146 12.37 6.51 -9.06
N ALA A 147 12.59 7.09 -7.89
CA ALA A 147 12.78 8.55 -7.82
C ALA A 147 14.22 8.88 -8.16
N TYR A 148 14.39 9.85 -9.06
CA TYR A 148 15.71 10.33 -9.41
C TYR A 148 15.78 11.77 -8.97
N PRO A 149 16.98 12.24 -8.62
CA PRO A 149 17.09 13.69 -8.39
C PRO A 149 16.53 14.42 -9.62
N GLY A 150 15.72 15.45 -9.41
CA GLY A 150 15.21 16.25 -10.51
C GLY A 150 13.81 15.90 -10.98
N ALA A 151 13.22 14.82 -10.45
CA ALA A 151 11.89 14.40 -10.89
C ALA A 151 10.91 15.54 -10.73
N ASP A 152 11.02 16.29 -9.62
CA ASP A 152 10.23 17.52 -9.41
C ASP A 152 10.26 18.46 -10.60
N LEU A 153 11.43 18.60 -11.20
CA LEU A 153 11.62 19.54 -12.30
C LEU A 153 11.05 19.05 -13.65
N PHE A 154 11.09 17.74 -13.88
CA PHE A 154 10.95 17.23 -15.24
C PHE A 154 9.57 17.52 -15.74
N GLN A 155 9.49 18.45 -16.69
CA GLN A 155 8.27 18.92 -17.31
C GLN A 155 7.65 17.94 -18.33
N GLY A 156 8.46 17.03 -18.87
CA GLY A 156 8.09 16.17 -20.03
C GLY A 156 7.24 15.03 -19.59
N ALA A 157 6.80 14.22 -20.55
CA ALA A 157 5.70 13.28 -20.31
C ALA A 157 6.21 12.08 -19.62
N GLN A 158 5.42 11.48 -18.76
CA GLN A 158 5.87 10.32 -18.00
C GLN A 158 4.77 9.34 -17.96
N LEU A 159 5.17 8.08 -18.19
CA LEU A 159 4.26 7.04 -18.42
C LEU A 159 4.89 5.74 -18.00
N HIS A 160 4.31 5.04 -17.04
CA HIS A 160 4.83 3.75 -16.68
C HIS A 160 4.39 2.69 -17.67
N SER A 161 5.17 1.64 -17.86
CA SER A 161 4.79 0.61 -18.80
C SER A 161 3.35 0.09 -18.59
N ALA A 162 2.95 -0.05 -17.35
CA ALA A 162 1.56 -0.36 -17.00
C ALA A 162 0.53 0.32 -17.88
N HIS A 163 0.82 1.59 -18.22
CA HIS A 163 -0.10 2.43 -18.99
C HIS A 163 0.35 2.69 -20.41
N TYR A 164 1.48 2.11 -20.81
CA TYR A 164 1.88 2.26 -22.18
C TYR A 164 0.84 1.54 -23.03
N GLN A 165 0.44 2.16 -24.15
CA GLN A 165 -0.56 1.61 -25.03
C GLN A 165 -0.04 1.44 -26.46
N SER A 166 0.42 2.51 -27.06
CA SER A 166 0.83 2.55 -28.47
C SER A 166 1.95 3.58 -28.59
N PRO A 167 2.79 3.45 -29.62
CA PRO A 167 3.87 4.40 -29.81
C PRO A 167 3.43 5.68 -30.47
N ALA A 168 2.17 5.83 -30.83
CA ALA A 168 1.76 6.99 -31.59
C ALA A 168 2.02 8.33 -30.86
N PRO A 169 1.68 8.42 -29.56
CA PRO A 169 1.88 9.72 -28.90
C PRO A 169 3.37 10.08 -28.77
N PHE A 170 4.25 9.09 -28.85
CA PHE A 170 5.67 9.36 -28.79
C PHE A 170 6.25 9.70 -30.16
N ALA A 171 5.38 9.77 -31.17
CA ALA A 171 5.82 10.07 -32.55
C ALA A 171 6.75 11.26 -32.57
N GLY A 172 7.96 11.02 -33.05
CA GLY A 172 9.00 12.04 -33.12
C GLY A 172 9.64 12.47 -31.82
N GLN A 173 9.29 11.88 -30.67
CA GLN A 173 9.78 12.46 -29.42
C GLN A 173 11.18 11.99 -29.04
N LYS A 174 11.87 12.77 -28.21
CA LYS A 174 13.09 12.26 -27.59
C LYS A 174 12.59 11.54 -26.38
N VAL A 175 12.73 10.20 -26.43
CA VAL A 175 12.22 9.30 -25.41
C VAL A 175 13.30 8.48 -24.69
N LEU A 176 13.20 8.44 -23.38
CA LEU A 176 13.94 7.49 -22.59
C LEU A 176 13.02 6.35 -22.26
N VAL A 177 13.42 5.15 -22.59
CA VAL A 177 12.74 3.98 -22.07
C VAL A 177 13.64 3.50 -20.97
N VAL A 178 13.06 3.40 -19.79
CA VAL A 178 13.81 3.15 -18.57
C VAL A 178 13.45 1.82 -18.01
N GLY A 179 14.47 1.01 -17.78
CA GLY A 179 14.30 -0.31 -17.24
C GLY A 179 14.48 -1.33 -18.32
N GLY A 180 15.22 -2.38 -17.96
CA GLY A 180 15.60 -3.47 -18.86
C GLY A 180 14.56 -4.55 -18.88
N GLY A 181 14.98 -5.78 -19.10
CA GLY A 181 14.05 -6.88 -19.16
C GLY A 181 13.08 -6.68 -20.31
N ASN A 182 12.08 -7.53 -20.33
CA ASN A 182 11.25 -7.68 -21.52
C ASN A 182 10.40 -6.49 -21.88
N SER A 183 9.83 -5.80 -20.89
CA SER A 183 8.94 -4.69 -21.18
C SER A 183 9.68 -3.52 -21.83
N GLY A 184 10.78 -3.12 -21.22
CA GLY A 184 11.64 -2.10 -21.80
C GLY A 184 12.07 -2.45 -23.21
N ALA A 185 12.36 -3.72 -23.48
CA ALA A 185 12.91 -4.08 -24.78
C ALA A 185 11.77 -4.07 -25.78
N GLN A 186 10.65 -4.68 -25.40
CA GLN A 186 9.47 -4.68 -26.25
C GLN A 186 8.90 -3.30 -26.55
N ILE A 187 9.02 -2.37 -25.59
CA ILE A 187 8.44 -1.05 -25.72
C ILE A 187 9.42 -0.18 -26.51
N LEU A 188 10.68 -0.23 -26.13
CA LEU A 188 11.70 0.38 -26.93
C LEU A 188 11.58 -0.02 -28.38
N ALA A 189 11.41 -1.31 -28.63
CA ALA A 189 11.43 -1.82 -29.98
C ALA A 189 10.34 -1.14 -30.78
N GLU A 190 9.20 -1.01 -30.15
CA GLU A 190 8.06 -0.38 -30.77
C GLU A 190 8.21 1.13 -30.87
N VAL A 191 8.64 1.76 -29.79
CA VAL A 191 8.69 3.23 -29.75
C VAL A 191 9.90 3.76 -30.48
N SER A 192 10.92 2.94 -30.67
CA SER A 192 12.10 3.41 -31.39
C SER A 192 11.80 3.60 -32.89
N ARG A 193 10.76 2.92 -33.37
CA ARG A 193 10.33 3.06 -34.74
C ARG A 193 9.78 4.46 -35.03
N VAL A 194 9.16 5.11 -34.04
CA VAL A 194 8.54 6.39 -34.25
C VAL A 194 9.16 7.54 -33.44
N ALA A 195 10.15 7.29 -32.59
CA ALA A 195 10.67 8.34 -31.72
C ALA A 195 12.13 8.08 -31.56
N ASP A 196 12.86 9.07 -31.06
CA ASP A 196 14.26 8.85 -30.81
C ASP A 196 14.45 8.42 -29.35
N CYS A 197 14.80 7.14 -29.16
CA CYS A 197 14.83 6.47 -27.85
C CYS A 197 16.17 6.19 -27.24
N THR A 198 16.27 6.28 -25.92
CA THR A 198 17.42 5.73 -25.26
C THR A 198 16.90 4.79 -24.21
N TRP A 199 17.46 3.59 -24.24
CA TRP A 199 17.16 2.57 -23.30
C TRP A 199 18.15 2.76 -22.17
N VAL A 200 17.63 2.97 -20.97
CA VAL A 200 18.46 3.19 -19.78
C VAL A 200 18.19 2.01 -18.88
N THR A 201 19.26 1.38 -18.42
CA THR A 201 19.18 0.13 -17.68
C THR A 201 20.26 0.16 -16.65
N THR A 202 20.02 -0.50 -15.52
CA THR A 202 20.94 -0.50 -14.40
C THR A 202 22.16 -1.38 -14.70
N SER A 203 21.93 -2.44 -15.47
CA SER A 203 22.96 -3.37 -15.92
C SER A 203 22.79 -3.57 -17.44
N GLU A 204 23.88 -3.96 -18.09
CA GLU A 204 23.84 -4.30 -19.48
C GLU A 204 22.80 -5.39 -19.59
N PRO A 205 21.82 -5.20 -20.50
CA PRO A 205 20.80 -6.21 -20.63
C PRO A 205 21.36 -7.44 -21.32
N ILE A 206 20.76 -8.60 -21.04
CA ILE A 206 21.24 -9.89 -21.53
C ILE A 206 20.16 -10.53 -22.31
N PHE A 207 20.47 -10.88 -23.56
CA PHE A 207 19.48 -11.45 -24.45
C PHE A 207 19.61 -12.95 -24.52
N LEU A 208 18.45 -13.59 -24.56
CA LEU A 208 18.39 -14.97 -24.95
C LEU A 208 18.78 -15.11 -26.41
N PRO A 209 19.16 -16.33 -26.81
CA PRO A 209 19.38 -16.68 -28.21
C PRO A 209 18.11 -16.53 -28.99
N ASP A 210 18.24 -16.20 -30.27
CA ASP A 210 17.10 -15.87 -31.12
C ASP A 210 16.06 -16.96 -31.29
N ASP A 211 16.45 -18.21 -31.06
CA ASP A 211 15.59 -19.35 -31.40
C ASP A 211 14.93 -19.98 -30.18
N VAL A 212 14.98 -19.32 -29.03
CA VAL A 212 14.34 -19.82 -27.81
C VAL A 212 13.37 -18.79 -27.27
N ASP A 213 12.21 -19.23 -26.80
CA ASP A 213 11.24 -18.30 -26.27
C ASP A 213 11.31 -18.30 -24.74
N GLY A 214 10.43 -17.52 -24.11
CA GLY A 214 10.30 -17.47 -22.63
C GLY A 214 9.95 -18.77 -21.89
N ARG A 215 9.66 -19.81 -22.62
CA ARG A 215 9.75 -21.18 -22.10
C ARG A 215 11.02 -21.42 -21.27
N VAL A 216 12.18 -20.98 -21.79
CA VAL A 216 13.45 -21.07 -21.02
C VAL A 216 13.35 -20.44 -19.63
N LEU A 217 12.60 -19.35 -19.50
CA LEU A 217 12.22 -18.85 -18.17
C LEU A 217 11.52 -19.93 -17.32
N PHE A 218 10.45 -20.52 -17.85
CA PHE A 218 9.76 -21.53 -17.06
C PHE A 218 10.76 -22.62 -16.71
N GLN A 219 11.44 -23.14 -17.74
CA GLN A 219 12.33 -24.29 -17.61
C GLN A 219 13.46 -24.12 -16.59
N ARG A 220 14.10 -22.96 -16.58
CA ARG A 220 15.11 -22.65 -15.57
C ARG A 220 14.60 -22.88 -14.14
N ALA A 221 13.36 -22.44 -13.88
CA ALA A 221 12.74 -22.55 -12.57
C ALA A 221 12.12 -23.91 -12.31
N THR A 222 11.99 -24.74 -13.34
CA THR A 222 11.60 -26.12 -13.15
C THR A 222 12.83 -26.90 -12.71
N ASP A 223 13.96 -26.65 -13.34
CA ASP A 223 15.25 -27.19 -12.88
C ASP A 223 15.47 -26.85 -11.41
N ARG A 224 15.30 -25.56 -11.06
CA ARG A 224 15.44 -25.12 -9.67
C ARG A 224 14.38 -25.74 -8.73
N TRP A 225 13.17 -26.04 -9.22
CA TRP A 225 12.13 -26.71 -8.41
C TRP A 225 12.27 -28.24 -8.36
N LYS A 226 13.00 -28.81 -9.32
CA LYS A 226 13.39 -30.23 -9.24
C LYS A 226 14.43 -30.43 -8.11
N ALA A 227 15.24 -29.39 -7.88
CA ALA A 227 16.31 -29.43 -6.87
C ALA A 227 15.79 -29.82 -5.48
N ASP A 243 16.43 -11.76 -18.21
CA ASP A 243 16.92 -11.99 -19.57
C ASP A 243 15.85 -11.75 -20.61
N VAL A 244 16.24 -11.16 -21.73
CA VAL A 244 15.33 -10.70 -22.78
C VAL A 244 15.10 -11.70 -23.91
N VAL A 245 13.86 -12.17 -24.00
CA VAL A 245 13.42 -12.99 -25.10
C VAL A 245 13.47 -12.18 -26.39
N MET A 246 13.91 -12.81 -27.48
CA MET A 246 13.99 -12.18 -28.79
C MET A 246 12.70 -12.39 -29.57
N VAL A 247 11.61 -11.90 -29.01
CA VAL A 247 10.35 -11.85 -29.72
C VAL A 247 10.50 -11.05 -31.01
N PRO A 248 9.61 -11.28 -32.02
CA PRO A 248 9.73 -10.62 -33.33
C PRO A 248 10.07 -9.10 -33.29
N PRO A 249 9.22 -8.27 -32.67
CA PRO A 249 9.57 -6.83 -32.70
C PRO A 249 10.96 -6.58 -32.15
N VAL A 250 11.31 -7.27 -31.07
CA VAL A 250 12.59 -7.04 -30.40
C VAL A 250 13.78 -7.45 -31.28
N LYS A 251 13.62 -8.61 -31.95
CA LYS A 251 14.52 -9.02 -33.03
C LYS A 251 14.62 -7.95 -34.11
N GLU A 252 13.48 -7.46 -34.60
CA GLU A 252 13.52 -6.40 -35.63
C GLU A 252 14.31 -5.18 -35.12
N ALA A 253 14.15 -4.86 -33.84
CA ALA A 253 14.82 -3.69 -33.24
C ALA A 253 16.33 -3.87 -33.15
N ARG A 254 16.77 -5.08 -32.96
CA ARG A 254 18.19 -5.37 -33.02
C ARG A 254 18.73 -5.05 -34.42
N GLU A 255 17.98 -5.47 -35.43
CA GLU A 255 18.32 -5.28 -36.84
C GLU A 255 18.33 -3.80 -37.27
N ARG A 256 17.45 -2.98 -36.71
CA ARG A 256 17.56 -1.52 -36.80
C ARG A 256 18.60 -0.93 -35.81
N GLY A 257 19.55 -1.71 -35.30
CA GLY A 257 20.53 -1.22 -34.28
C GLY A 257 19.98 -0.31 -33.17
N ALA A 258 18.85 -0.68 -32.58
CA ALA A 258 18.16 0.15 -31.60
C ALA A 258 18.15 -0.40 -30.15
N LEU A 259 18.75 -1.57 -29.91
CA LEU A 259 18.77 -2.15 -28.57
C LEU A 259 20.01 -1.79 -27.80
N HIS A 260 20.69 -0.72 -28.18
CA HIS A 260 21.82 -0.28 -27.39
C HIS A 260 21.25 0.37 -26.12
N ALA A 261 21.68 -0.12 -24.96
CA ALA A 261 21.27 0.38 -23.67
C ALA A 261 22.38 1.22 -23.09
N VAL A 262 22.03 2.18 -22.23
CA VAL A 262 23.01 2.92 -21.45
C VAL A 262 22.62 2.87 -19.99
N ARG A 263 23.49 3.37 -19.14
CA ARG A 263 23.33 3.28 -17.71
C ARG A 263 22.57 4.48 -17.17
N PRO A 264 21.95 4.32 -16.00
CA PRO A 264 21.12 5.38 -15.51
C PRO A 264 21.83 6.71 -15.54
N PHE A 265 21.04 7.73 -15.86
CA PHE A 265 21.41 9.11 -15.67
C PHE A 265 21.47 9.45 -14.19
N THR A 266 22.00 10.62 -13.90
CA THR A 266 22.23 11.07 -12.54
C THR A 266 21.06 11.88 -12.04
N ARG A 267 20.51 12.71 -12.91
CA ARG A 267 19.38 13.50 -12.55
C ARG A 267 18.59 13.98 -13.75
N PHE A 268 17.35 14.29 -13.46
CA PHE A 268 16.53 15.04 -14.37
C PHE A 268 16.88 16.52 -14.25
N THR A 269 16.71 17.22 -15.37
CA THR A 269 16.57 18.66 -15.44
C THR A 269 15.14 18.92 -15.94
N ALA A 270 14.78 20.19 -16.07
CA ALA A 270 13.42 20.51 -16.42
C ALA A 270 12.99 19.84 -17.73
N ASN A 271 13.88 19.77 -18.71
CA ASN A 271 13.53 19.15 -19.99
C ASN A 271 14.58 18.17 -20.51
N GLY A 272 15.27 17.52 -19.60
CA GLY A 272 16.29 16.57 -19.98
C GLY A 272 16.77 15.71 -18.83
N VAL A 273 17.87 15.00 -19.06
CA VAL A 273 18.58 14.38 -17.99
C VAL A 273 20.03 14.73 -18.12
N VAL A 274 20.74 14.66 -17.00
CA VAL A 274 22.17 14.75 -17.01
C VAL A 274 22.65 13.37 -16.67
N TRP A 275 23.59 12.90 -17.48
CA TRP A 275 24.25 11.61 -17.32
C TRP A 275 25.43 11.76 -16.39
N ALA A 276 26.07 10.64 -16.10
CA ALA A 276 27.21 10.59 -15.17
C ALA A 276 28.39 11.41 -15.71
N ASP A 277 28.58 11.36 -17.03
CA ASP A 277 29.70 12.05 -17.67
C ASP A 277 29.53 13.56 -17.65
N GLY A 278 28.36 14.01 -17.19
CA GLY A 278 28.09 15.42 -16.96
C GLY A 278 27.35 16.02 -18.12
N THR A 279 27.23 15.26 -19.21
CA THR A 279 26.53 15.72 -20.39
C THR A 279 25.03 15.70 -20.16
N GLY A 280 24.33 16.57 -20.88
CA GLY A 280 22.88 16.62 -20.83
C GLY A 280 22.28 15.98 -22.07
N SER A 281 21.05 15.49 -21.95
CA SER A 281 20.25 15.10 -23.11
C SER A 281 18.85 15.60 -22.96
N ALA A 282 18.25 15.96 -24.06
CA ALA A 282 16.87 16.34 -24.07
C ALA A 282 16.00 15.09 -24.00
N VAL A 283 14.93 15.18 -23.23
CA VAL A 283 14.00 14.11 -23.09
C VAL A 283 12.61 14.71 -23.07
N ASP A 284 11.77 14.30 -24.01
CA ASP A 284 10.36 14.71 -24.01
C ASP A 284 9.55 13.78 -23.15
N ALA A 285 9.90 12.50 -23.19
CA ALA A 285 9.09 11.47 -22.58
C ALA A 285 9.98 10.41 -21.96
N VAL A 286 9.54 9.91 -20.83
CA VAL A 286 10.16 8.78 -20.20
C VAL A 286 9.05 7.77 -20.06
N ILE A 287 9.33 6.58 -20.54
CA ILE A 287 8.47 5.48 -20.35
C ILE A 287 9.19 4.70 -19.29
N TRP A 288 8.56 4.59 -18.14
CA TRP A 288 9.16 3.80 -17.08
C TRP A 288 8.75 2.36 -17.21
N CYS A 289 9.67 1.53 -17.67
CA CYS A 289 9.54 0.09 -17.67
C CYS A 289 10.29 -0.48 -16.50
N THR A 290 10.09 0.11 -15.33
CA THR A 290 10.83 -0.23 -14.13
C THR A 290 10.09 -1.22 -13.25
N GLY A 291 9.01 -1.79 -13.77
CA GLY A 291 8.35 -2.90 -13.13
C GLY A 291 7.40 -2.48 -12.03
N PHE A 292 7.13 -3.45 -11.17
CA PHE A 292 5.92 -3.50 -10.40
C PHE A 292 6.24 -4.09 -9.07
N ARG A 293 5.48 -3.68 -8.08
CA ARG A 293 5.50 -4.33 -6.79
C ARG A 293 4.23 -5.18 -6.67
N PRO A 294 4.16 -6.07 -5.67
CA PRO A 294 2.95 -6.77 -5.36
C PRO A 294 1.85 -5.83 -4.91
N ALA A 295 0.68 -6.03 -5.44
CA ALA A 295 -0.45 -5.11 -5.23
C ALA A 295 -1.31 -5.66 -4.09
N LEU A 296 -0.78 -5.43 -2.89
CA LEU A 296 -1.31 -5.92 -1.63
C LEU A 296 -1.94 -4.78 -0.76
N ALA A 297 -2.24 -3.63 -1.34
CA ALA A 297 -2.96 -2.59 -0.65
C ALA A 297 -4.07 -3.11 0.24
N HIS A 298 -4.80 -4.10 -0.27
CA HIS A 298 -6.01 -4.63 0.44
C HIS A 298 -5.65 -5.47 1.64
N LEU A 299 -4.34 -5.62 1.88
CA LEU A 299 -3.82 -6.37 2.99
C LEU A 299 -3.16 -5.51 4.00
N GLN A 300 -3.10 -4.22 3.76
CA GLN A 300 -2.48 -3.31 4.69
C GLN A 300 -3.24 -3.37 5.99
N SER A 301 -4.56 -3.47 5.93
CA SER A 301 -5.37 -3.50 7.13
C SER A 301 -5.09 -4.71 8.04
N LEU A 302 -4.47 -5.74 7.48
CA LEU A 302 -4.23 -6.95 8.22
C LEU A 302 -2.90 -6.82 9.03
N GLY A 303 -2.09 -5.84 8.72
CA GLY A 303 -0.83 -5.66 9.41
C GLY A 303 0.28 -6.58 8.93
N VAL A 304 -0.01 -7.39 7.92
CA VAL A 304 0.91 -8.43 7.46
C VAL A 304 1.97 -7.94 6.46
N ILE A 305 1.84 -6.71 5.97
CA ILE A 305 2.73 -6.21 4.94
C ILE A 305 4.07 -5.95 5.62
N ASN A 306 5.11 -6.66 5.21
CA ASN A 306 6.42 -6.55 5.82
C ASN A 306 7.11 -5.29 5.29
N PRO A 307 8.31 -4.95 5.84
CA PRO A 307 8.96 -3.68 5.48
C PRO A 307 9.32 -3.60 4.02
N ASP A 308 9.54 -4.76 3.40
CA ASP A 308 9.89 -4.84 1.97
C ASP A 308 8.68 -4.73 1.03
N GLY A 309 7.49 -4.41 1.58
CA GLY A 309 6.23 -4.33 0.86
C GLY A 309 5.61 -5.67 0.43
N LYS A 310 6.17 -6.76 0.97
CA LYS A 310 5.62 -8.09 0.72
C LYS A 310 5.05 -8.66 2.03
N VAL A 311 4.71 -9.94 1.99
CA VAL A 311 4.25 -10.71 3.13
C VAL A 311 5.24 -11.82 3.32
N ASP A 312 5.47 -12.17 4.57
CA ASP A 312 6.30 -13.29 4.90
C ASP A 312 5.51 -14.53 4.67
N LEU A 313 6.12 -15.49 3.99
CA LEU A 313 5.45 -16.69 3.55
C LEU A 313 6.28 -17.91 3.82
N ALA A 314 5.61 -19.04 4.03
CA ALA A 314 6.18 -20.32 3.73
C ALA A 314 5.34 -20.83 2.58
N GLY A 315 5.97 -20.93 1.42
CA GLY A 315 5.29 -21.33 0.21
C GLY A 315 4.41 -20.20 -0.21
N THR A 316 3.10 -20.43 -0.17
CA THR A 316 2.14 -19.40 -0.46
C THR A 316 1.51 -18.84 0.78
N ARG A 317 1.90 -19.38 1.94
CA ARG A 317 1.14 -19.16 3.13
C ARG A 317 1.69 -18.04 3.98
N SER A 318 0.78 -17.17 4.45
CA SER A 318 1.21 -16.09 5.35
C SER A 318 1.62 -16.65 6.71
N LEU A 319 2.86 -16.39 7.08
CA LEU A 319 3.34 -16.69 8.43
C LEU A 319 2.56 -15.98 9.54
N GLN A 320 2.42 -14.65 9.45
CA GLN A 320 1.72 -13.88 10.46
C GLN A 320 0.27 -14.21 10.51
N GLU A 321 -0.35 -14.42 9.34
CA GLU A 321 -1.79 -14.78 9.22
C GLU A 321 -1.99 -16.05 8.39
N PRO A 322 -2.02 -17.18 9.05
CA PRO A 322 -2.06 -18.40 8.27
C PRO A 322 -3.43 -18.75 7.59
N ARG A 323 -4.49 -17.96 7.75
CA ARG A 323 -5.67 -18.15 6.91
C ARG A 323 -5.59 -17.37 5.58
N LEU A 324 -4.49 -16.67 5.40
CA LEU A 324 -4.20 -15.88 4.21
C LEU A 324 -3.13 -16.59 3.33
N TRP A 325 -3.44 -16.76 2.04
CA TRP A 325 -2.47 -17.28 1.10
C TRP A 325 -2.32 -16.23 0.08
N LEU A 326 -1.10 -16.15 -0.46
CA LEU A 326 -0.70 -15.22 -1.53
C LEU A 326 -0.15 -16.01 -2.70
N LEU A 327 -0.67 -15.73 -3.87
CA LEU A 327 -0.42 -16.54 -5.02
C LEU A 327 -0.21 -15.64 -6.22
N GLY A 328 0.80 -15.96 -7.02
CA GLY A 328 0.93 -15.42 -8.37
C GLY A 328 1.71 -14.16 -8.50
N TYR A 329 2.39 -13.77 -7.43
CA TYR A 329 2.96 -12.44 -7.40
C TYR A 329 4.35 -12.35 -8.02
N GLY A 330 5.13 -13.41 -7.87
CA GLY A 330 6.52 -13.39 -8.31
C GLY A 330 7.26 -14.55 -7.70
N GLU A 331 8.59 -14.48 -7.84
CA GLU A 331 9.54 -15.44 -7.30
C GLU A 331 9.38 -15.63 -5.78
N TRP A 332 8.90 -14.58 -5.11
CA TRP A 332 8.74 -14.63 -3.68
C TRP A 332 7.55 -15.44 -3.20
N THR A 333 6.56 -15.62 -4.07
CA THR A 333 5.45 -16.57 -3.80
C THR A 333 5.64 -17.94 -4.47
N GLY A 334 6.78 -18.13 -5.12
CA GLY A 334 7.01 -19.33 -5.96
C GLY A 334 7.67 -19.02 -7.29
N LEU A 335 8.75 -19.77 -7.58
CA LEU A 335 9.46 -19.70 -8.83
C LEU A 335 8.47 -19.81 -9.96
N ALA A 336 8.46 -18.78 -10.82
CA ALA A 336 7.61 -18.71 -12.05
C ALA A 336 6.12 -18.51 -11.78
N SER A 337 5.75 -18.27 -10.53
CA SER A 337 4.35 -18.15 -10.15
C SER A 337 3.67 -16.97 -10.81
N ALA A 338 4.46 -15.98 -11.22
CA ALA A 338 3.90 -14.84 -11.94
C ALA A 338 3.99 -15.05 -13.44
N THR A 339 3.59 -16.21 -13.90
CA THR A 339 3.55 -16.50 -15.34
C THR A 339 2.35 -17.38 -15.54
N LEU A 340 1.80 -17.39 -16.76
CA LEU A 340 0.69 -18.30 -17.07
C LEU A 340 1.02 -19.77 -16.78
N ILE A 341 2.17 -20.23 -17.25
CA ILE A 341 2.48 -21.64 -17.21
C ILE A 341 2.90 -21.98 -15.82
N GLY A 342 3.45 -20.99 -15.13
CA GLY A 342 4.16 -21.30 -13.92
C GLY A 342 3.31 -21.26 -12.69
N VAL A 343 2.26 -20.44 -12.71
CA VAL A 343 1.40 -20.19 -11.54
C VAL A 343 0.69 -21.45 -11.03
N GLY A 344 0.57 -22.46 -11.90
CA GLY A 344 -0.07 -23.72 -11.51
C GLY A 344 0.55 -24.57 -10.41
N ARG A 345 1.88 -24.60 -10.31
CA ARG A 345 2.53 -25.35 -9.23
C ARG A 345 2.03 -24.78 -7.90
N SER A 346 2.29 -23.51 -7.66
CA SER A 346 1.95 -22.90 -6.38
C SER A 346 0.41 -22.78 -6.22
N ALA A 347 -0.32 -22.67 -7.32
CA ALA A 347 -1.78 -22.68 -7.20
C ALA A 347 -2.30 -24.04 -6.73
N ARG A 348 -1.70 -25.12 -7.23
CA ARG A 348 -2.15 -26.43 -6.85
C ARG A 348 -1.82 -26.59 -5.38
N ALA A 349 -0.56 -26.32 -5.03
CA ALA A 349 -0.09 -26.45 -3.65
C ALA A 349 -0.87 -25.59 -2.65
N THR A 350 -1.27 -24.37 -3.06
CA THR A 350 -2.13 -23.51 -2.24
C THR A 350 -3.46 -24.22 -2.03
N ALA A 351 -4.07 -24.70 -3.11
CA ALA A 351 -5.37 -25.34 -2.97
C ALA A 351 -5.24 -26.49 -2.02
N GLU A 352 -4.19 -27.29 -2.19
CA GLU A 352 -3.96 -28.44 -1.32
C GLU A 352 -3.88 -27.99 0.14
N GLU A 353 -3.01 -27.03 0.42
CA GLU A 353 -2.78 -26.57 1.79
C GLU A 353 -4.03 -25.98 2.43
N ILE A 354 -4.81 -25.28 1.60
CA ILE A 354 -6.10 -24.71 2.03
C ILE A 354 -7.14 -25.80 2.27
N ILE A 355 -7.13 -26.87 1.49
CA ILE A 355 -8.09 -27.92 1.71
C ILE A 355 -7.71 -28.65 3.00
N GLN A 356 -6.42 -28.90 3.19
CA GLN A 356 -5.92 -29.38 4.48
C GLN A 356 -6.39 -28.48 5.64
N TYR A 357 -6.16 -27.18 5.54
CA TYR A 357 -6.49 -26.32 6.65
C TYR A 357 -7.97 -26.46 7.00
N LEU A 358 -8.82 -26.48 5.99
CA LEU A 358 -10.28 -26.44 6.22
C LEU A 358 -10.89 -27.79 6.59
N ASP A 359 -10.28 -28.90 6.17
CA ASP A 359 -10.64 -30.23 6.67
C ASP A 359 -10.41 -30.34 8.18
N SER A 360 -9.23 -29.92 8.63
CA SER A 360 -8.79 -30.06 10.02
C SER A 360 -9.40 -28.97 10.88
N SER B 13 -15.41 16.74 -12.27
CA SER B 13 -14.20 17.49 -12.76
C SER B 13 -13.96 18.81 -11.98
N THR B 14 -13.42 18.65 -10.75
CA THR B 14 -13.04 19.75 -9.84
C THR B 14 -11.54 20.07 -9.88
N ASP B 15 -11.12 21.14 -9.22
CA ASP B 15 -9.70 21.54 -9.15
C ASP B 15 -8.87 20.74 -8.15
N ILE B 16 -9.40 20.55 -6.95
CA ILE B 16 -8.62 19.87 -5.94
C ILE B 16 -9.44 18.73 -5.38
N VAL B 17 -8.86 17.53 -5.39
CA VAL B 17 -9.47 16.41 -4.69
C VAL B 17 -8.64 16.21 -3.41
N ILE B 18 -9.31 16.20 -2.27
CA ILE B 18 -8.69 15.91 -0.99
C ILE B 18 -9.13 14.51 -0.68
N ILE B 19 -8.20 13.57 -0.66
CA ILE B 19 -8.55 12.19 -0.37
C ILE B 19 -8.43 12.00 1.12
N GLY B 20 -9.54 11.63 1.74
CA GLY B 20 -9.56 11.40 3.16
C GLY B 20 -10.25 12.60 3.75
N GLY B 21 -10.87 12.42 4.91
CA GLY B 21 -11.66 13.44 5.54
C GLY B 21 -11.46 13.49 7.03
N GLY B 22 -10.21 13.30 7.45
CA GLY B 22 -9.85 13.38 8.86
C GLY B 22 -9.38 14.77 9.16
N GLN B 23 -8.80 14.94 10.32
CA GLN B 23 -8.37 16.28 10.72
C GLN B 23 -7.39 16.93 9.73
N ALA B 24 -6.66 16.15 8.94
CA ALA B 24 -5.67 16.76 8.10
C ALA B 24 -6.39 17.36 6.91
N ALA B 25 -7.33 16.57 6.36
CA ALA B 25 -8.15 17.01 5.24
C ALA B 25 -8.89 18.28 5.62
N LEU B 26 -9.52 18.25 6.80
CA LEU B 26 -10.26 19.38 7.31
C LEU B 26 -9.41 20.60 7.37
N SER B 27 -8.20 20.43 7.89
CA SER B 27 -7.23 21.53 8.03
C SER B 27 -6.91 22.15 6.70
N VAL B 28 -6.56 21.36 5.72
CA VAL B 28 -6.21 21.95 4.44
C VAL B 28 -7.48 22.52 3.81
N ALA B 29 -8.64 21.92 4.06
CA ALA B 29 -9.88 22.47 3.52
C ALA B 29 -10.20 23.87 4.06
N TYR B 30 -9.95 24.07 5.35
CA TYR B 30 -10.12 25.39 5.97
C TYR B 30 -9.38 26.45 5.19
N TYR B 31 -8.19 26.11 4.71
CA TYR B 31 -7.30 27.06 4.04
C TYR B 31 -7.53 27.23 2.53
N LEU B 32 -8.22 26.28 1.91
CA LEU B 32 -8.61 26.41 0.50
C LEU B 32 -10.02 26.98 0.23
N ARG B 33 -10.97 26.75 1.16
CA ARG B 33 -12.37 27.13 0.93
C ARG B 33 -12.65 28.58 0.60
N ARG B 34 -11.79 29.49 1.02
CA ARG B 34 -12.00 30.90 0.69
C ARG B 34 -11.47 31.21 -0.70
N SER B 35 -10.63 30.34 -1.24
CA SER B 35 -10.09 30.54 -2.57
C SER B 35 -11.15 30.30 -3.69
N LYS B 36 -10.76 30.63 -4.93
CA LYS B 36 -11.60 30.54 -6.15
C LYS B 36 -11.86 29.10 -6.61
N TYR B 37 -10.89 28.24 -6.31
CA TYR B 37 -10.84 26.93 -6.90
C TYR B 37 -11.79 25.97 -6.22
N SER B 38 -12.36 25.08 -7.02
CA SER B 38 -13.25 24.08 -6.51
C SER B 38 -12.47 22.98 -5.77
N PHE B 39 -13.15 22.33 -4.84
CA PHE B 39 -12.62 21.09 -4.32
C PHE B 39 -13.74 20.20 -3.81
N VAL B 40 -13.44 18.90 -3.74
CA VAL B 40 -14.28 17.98 -3.02
C VAL B 40 -13.40 17.14 -2.12
N MET B 41 -13.98 16.67 -1.02
CA MET B 41 -13.25 15.84 -0.11
C MET B 41 -13.90 14.49 -0.16
N LEU B 42 -13.11 13.44 -0.35
CA LEU B 42 -13.62 12.09 -0.33
C LEU B 42 -13.11 11.41 0.93
N ASP B 43 -14.00 10.76 1.67
CA ASP B 43 -13.60 10.09 2.92
C ASP B 43 -14.25 8.75 3.03
N ALA B 44 -13.50 7.79 3.59
CA ALA B 44 -13.93 6.41 3.74
C ALA B 44 -14.93 6.10 4.87
N GLU B 45 -15.06 6.99 5.85
CA GLU B 45 -15.87 6.71 7.04
C GLU B 45 -17.35 6.95 6.80
N GLN B 46 -18.18 6.44 7.71
CA GLN B 46 -19.65 6.56 7.58
C GLN B 46 -20.10 7.98 7.96
N THR B 47 -19.35 8.56 8.91
CA THR B 47 -19.65 9.84 9.50
C THR B 47 -18.34 10.60 9.54
N PRO B 48 -18.38 11.86 10.01
CA PRO B 48 -17.15 12.57 10.26
C PRO B 48 -16.45 11.98 11.42
N GLY B 49 -15.15 12.18 11.48
CA GLY B 49 -14.40 11.72 12.60
C GLY B 49 -13.01 11.22 12.33
N GLY B 50 -12.68 10.83 11.10
CA GLY B 50 -11.32 10.31 10.79
C GLY B 50 -11.06 9.07 11.62
N ALA B 51 -9.78 8.81 11.91
CA ALA B 51 -9.38 7.63 12.67
C ALA B 51 -9.97 7.61 14.08
N TRP B 52 -10.37 8.76 14.56
CA TRP B 52 -10.89 8.88 15.89
C TRP B 52 -12.07 8.01 16.14
N LEU B 53 -12.87 7.81 15.11
CA LEU B 53 -13.99 6.87 15.11
C LEU B 53 -13.58 5.46 15.44
N HIS B 54 -12.28 5.17 15.35
CA HIS B 54 -11.74 3.83 15.63
C HIS B 54 -10.82 3.79 16.83
N GLY B 55 -10.84 4.81 17.66
CA GLY B 55 -10.09 4.77 18.91
C GLY B 55 -10.80 3.88 19.93
N TRP B 56 -10.07 3.40 20.90
CA TRP B 56 -10.69 2.60 21.94
C TRP B 56 -11.63 3.42 22.83
N ASP B 57 -12.47 2.75 23.58
CA ASP B 57 -13.53 3.42 24.38
C ASP B 57 -13.06 4.55 25.28
N SER B 58 -11.96 4.29 25.99
CA SER B 58 -11.45 5.17 27.00
C SER B 58 -10.42 6.12 26.43
N LEU B 59 -10.14 6.03 25.14
CA LEU B 59 -9.13 6.89 24.54
C LEU B 59 -9.44 8.34 24.82
N ARG B 60 -8.44 9.05 25.37
CA ARG B 60 -8.46 10.48 25.48
C ARG B 60 -7.17 10.99 24.85
N LEU B 61 -7.16 12.28 24.48
CA LEU B 61 -6.00 12.89 23.90
C LEU B 61 -5.00 13.08 24.99
N PHE B 62 -3.76 13.41 24.66
CA PHE B 62 -2.73 13.57 25.69
C PHE B 62 -2.41 15.03 25.99
N SER B 63 -3.30 15.92 25.54
CA SER B 63 -3.19 17.34 25.79
C SER B 63 -4.59 17.98 25.70
N PRO B 64 -4.81 19.10 26.41
CA PRO B 64 -6.15 19.67 26.47
C PRO B 64 -6.65 20.18 25.12
N SER B 65 -7.93 20.53 25.07
CA SER B 65 -8.58 21.00 23.88
C SER B 65 -7.85 22.16 23.20
N THR B 66 -7.23 23.03 24.00
CA THR B 66 -6.48 24.20 23.48
C THR B 66 -5.23 23.75 22.73
N TRP B 67 -4.72 22.58 23.09
CA TRP B 67 -3.54 22.02 22.44
C TRP B 67 -3.94 20.88 21.51
N SER B 68 -5.19 20.93 21.06
CA SER B 68 -5.75 19.87 20.23
C SER B 68 -6.79 20.43 19.28
N SER B 69 -6.51 21.62 18.82
CA SER B 69 -7.44 22.37 18.01
C SER B 69 -6.87 22.52 16.65
N LEU B 70 -7.76 22.46 15.67
CA LEU B 70 -7.43 22.78 14.29
C LEU B 70 -7.48 24.28 14.12
N SER B 71 -7.09 24.75 12.95
CA SER B 71 -7.07 26.17 12.67
C SER B 71 -8.49 26.73 12.70
N GLY B 72 -8.60 28.01 13.04
CA GLY B 72 -9.86 28.69 13.05
C GLY B 72 -10.61 28.38 14.33
N TRP B 73 -11.32 27.28 14.33
CA TRP B 73 -12.24 26.99 15.37
C TRP B 73 -11.62 26.08 16.40
N GLN B 74 -11.45 26.60 17.58
CA GLN B 74 -10.80 25.85 18.64
C GLN B 74 -11.69 24.74 19.06
N MET B 75 -11.11 23.66 19.56
CA MET B 75 -11.94 22.64 20.20
C MET B 75 -12.54 23.21 21.49
N PRO B 76 -13.88 23.08 21.65
CA PRO B 76 -14.56 23.42 22.89
C PRO B 76 -13.91 22.73 24.04
N PRO B 77 -13.72 23.43 25.18
CA PRO B 77 -13.18 22.93 26.45
C PRO B 77 -13.86 21.69 26.98
N THR B 78 -13.11 20.98 27.81
CA THR B 78 -13.57 19.75 28.43
C THR B 78 -13.26 19.83 29.94
N GLY B 79 -14.03 19.15 30.76
CA GLY B 79 -13.83 19.19 32.21
C GLY B 79 -12.60 18.44 32.71
N GLU B 80 -12.46 18.43 34.05
CA GLU B 80 -11.32 17.83 34.78
C GLU B 80 -10.02 17.89 33.98
N THR B 81 -9.92 17.10 32.90
CA THR B 81 -8.84 17.26 31.88
C THR B 81 -8.94 16.18 30.74
N TYR B 82 -8.28 16.49 29.63
CA TYR B 82 -8.20 15.76 28.36
C TYR B 82 -9.47 15.28 27.60
N PRO B 83 -9.73 15.92 26.45
CA PRO B 83 -10.73 15.53 25.44
C PRO B 83 -10.85 14.03 25.11
N SER B 84 -12.09 13.56 25.05
CA SER B 84 -12.37 12.19 24.76
C SER B 84 -12.47 12.04 23.26
N ARG B 85 -12.46 10.77 22.87
CA ARG B 85 -12.54 10.36 21.50
C ARG B 85 -13.78 10.92 20.87
N ASP B 86 -14.90 10.69 21.53
CA ASP B 86 -16.17 11.18 21.04
C ASP B 86 -16.08 12.68 20.94
N GLN B 87 -15.47 13.32 21.93
CA GLN B 87 -15.35 14.77 21.88
C GLN B 87 -14.51 15.24 20.67
N VAL B 88 -13.46 14.49 20.35
CA VAL B 88 -12.66 14.80 19.17
C VAL B 88 -13.49 14.54 17.90
N VAL B 89 -14.19 13.42 17.84
CA VAL B 89 -15.05 13.11 16.71
C VAL B 89 -16.07 14.24 16.55
N ASP B 90 -16.77 14.53 17.63
CA ASP B 90 -17.68 15.68 17.70
C ASP B 90 -17.11 16.94 17.11
N TYR B 91 -15.95 17.33 17.57
CA TYR B 91 -15.35 18.54 17.09
C TYR B 91 -15.04 18.48 15.60
N LEU B 92 -14.56 17.33 15.10
CA LEU B 92 -14.37 17.19 13.65
C LEU B 92 -15.67 17.23 12.92
N ARG B 93 -16.67 16.55 13.47
CA ARG B 93 -17.99 16.60 12.88
C ARG B 93 -18.44 18.04 12.75
N HIS B 94 -18.42 18.76 13.87
CA HIS B 94 -18.88 20.16 13.88
C HIS B 94 -18.01 21.10 13.08
N TYR B 95 -16.74 20.78 12.98
CA TYR B 95 -15.76 21.61 12.34
C TYR B 95 -16.04 21.53 10.88
N GLU B 96 -16.19 20.32 10.41
CA GLU B 96 -16.50 20.08 9.00
C GLU B 96 -17.81 20.81 8.60
N SER B 97 -18.76 20.79 9.49
CA SER B 97 -20.07 21.34 9.21
C SER B 97 -20.05 22.86 9.30
N ARG B 98 -19.25 23.35 10.24
CA ARG B 98 -19.13 24.77 10.46
C ARG B 98 -18.61 25.48 9.23
N TYR B 99 -17.60 24.88 8.59
CA TYR B 99 -17.01 25.51 7.42
C TYR B 99 -17.60 24.93 6.15
N GLU B 100 -18.63 24.09 6.30
CA GLU B 100 -19.46 23.62 5.20
C GLU B 100 -18.64 22.91 4.13
N PHE B 101 -17.70 22.09 4.57
CA PHE B 101 -16.88 21.37 3.64
C PHE B 101 -17.76 20.37 2.89
N PRO B 102 -17.61 20.29 1.56
CA PRO B 102 -18.31 19.29 0.76
C PRO B 102 -17.51 17.99 0.79
N VAL B 103 -17.95 17.09 1.64
CA VAL B 103 -17.26 15.83 1.84
C VAL B 103 -18.19 14.77 1.36
N GLN B 104 -17.71 13.89 0.52
CA GLN B 104 -18.50 12.74 0.13
C GLN B 104 -18.03 11.58 1.00
N ARG B 105 -18.97 10.98 1.73
CA ARG B 105 -18.76 9.81 2.58
C ARG B 105 -19.91 8.85 2.41
N PRO B 106 -19.70 7.52 2.53
CA PRO B 106 -18.39 6.90 2.63
C PRO B 106 -17.90 6.63 1.23
N VAL B 107 -16.63 6.90 0.99
CA VAL B 107 -16.03 6.73 -0.31
C VAL B 107 -14.63 6.20 -0.09
N TRP B 108 -14.36 5.04 -0.67
CA TRP B 108 -13.06 4.49 -0.67
C TRP B 108 -12.33 4.81 -1.96
N VAL B 109 -11.32 5.65 -1.88
CA VAL B 109 -10.45 5.92 -3.01
C VAL B 109 -9.44 4.78 -3.20
N SER B 110 -9.53 4.12 -4.34
CA SER B 110 -8.69 2.94 -4.60
C SER B 110 -7.42 3.29 -5.32
N ALA B 111 -7.40 4.37 -6.06
CA ALA B 111 -6.23 4.71 -6.85
C ALA B 111 -6.29 6.14 -7.30
N VAL B 112 -5.12 6.72 -7.52
CA VAL B 112 -4.99 8.01 -8.11
C VAL B 112 -4.19 7.78 -9.40
N ASN B 113 -4.78 8.20 -10.53
CA ASN B 113 -4.25 7.88 -11.84
C ASN B 113 -3.86 9.14 -12.58
N ASN B 114 -2.71 9.12 -13.23
CA ASN B 114 -2.27 10.26 -14.04
C ASN B 114 -2.81 10.19 -15.45
N LEU B 115 -3.86 10.94 -15.75
CA LEU B 115 -4.41 10.97 -17.10
C LEU B 115 -3.82 12.04 -18.02
N GLY B 116 -2.64 12.54 -17.68
CA GLY B 116 -2.04 13.58 -18.48
C GLY B 116 -2.19 14.90 -17.75
N ASP B 117 -3.20 15.67 -18.12
CA ASP B 117 -3.29 17.01 -17.55
C ASP B 117 -4.30 17.07 -16.39
N ARG B 118 -4.91 15.94 -16.06
CA ARG B 118 -5.66 15.82 -14.84
C ARG B 118 -5.15 14.60 -14.16
N LEU B 119 -5.26 14.56 -12.84
CA LEU B 119 -5.19 13.32 -12.09
C LEU B 119 -6.62 12.83 -11.98
N GLU B 120 -6.78 11.51 -12.03
CA GLU B 120 -8.05 10.86 -11.84
C GLU B 120 -8.00 10.24 -10.45
N VAL B 121 -8.99 10.54 -9.63
CA VAL B 121 -9.17 9.91 -8.32
C VAL B 121 -10.36 8.98 -8.46
N VAL B 122 -10.14 7.73 -8.10
CA VAL B 122 -11.04 6.68 -8.47
C VAL B 122 -11.58 6.01 -7.24
N SER B 123 -12.89 5.82 -7.20
CA SER B 123 -13.54 4.90 -6.26
C SER B 123 -14.40 3.94 -7.07
N GLU B 124 -15.05 2.97 -6.43
CA GLU B 124 -15.95 2.07 -7.16
C GLU B 124 -16.98 2.76 -8.04
N ARG B 125 -17.80 3.62 -7.45
CA ARG B 125 -18.98 4.15 -8.12
C ARG B 125 -18.71 5.43 -8.89
N GLN B 126 -17.63 6.13 -8.53
CA GLN B 126 -17.37 7.46 -9.08
C GLN B 126 -15.87 7.70 -9.34
N GLN B 127 -15.58 8.57 -10.30
CA GLN B 127 -14.24 9.08 -10.57
C GLN B 127 -14.27 10.60 -10.48
N TRP B 128 -13.13 11.21 -10.19
CA TRP B 128 -13.01 12.67 -10.20
C TRP B 128 -11.74 13.07 -10.91
N ARG B 129 -11.90 13.97 -11.86
CA ARG B 129 -10.79 14.50 -12.60
C ARG B 129 -10.37 15.72 -11.80
N ALA B 130 -9.07 15.84 -11.53
CA ALA B 130 -8.61 16.95 -10.70
C ALA B 130 -7.33 17.54 -11.19
N ARG B 131 -7.11 18.82 -10.93
CA ARG B 131 -5.84 19.44 -11.28
C ARG B 131 -4.82 19.15 -10.18
N VAL B 132 -5.31 18.88 -8.96
CA VAL B 132 -4.46 18.73 -7.77
C VAL B 132 -5.05 17.71 -6.82
N VAL B 133 -4.19 16.93 -6.21
CA VAL B 133 -4.65 15.96 -5.26
C VAL B 133 -3.89 16.11 -3.98
N ILE B 134 -4.66 16.08 -2.91
CA ILE B 134 -4.13 16.14 -1.57
C ILE B 134 -4.53 14.85 -0.93
N SER B 135 -3.53 14.14 -0.45
CA SER B 135 -3.70 12.83 0.11
C SER B 135 -3.57 13.12 1.59
N ALA B 136 -4.65 12.96 2.33
CA ALA B 136 -4.61 13.17 3.76
C ALA B 136 -5.34 12.02 4.42
N THR B 137 -4.80 10.83 4.24
CA THR B 137 -5.46 9.58 4.64
C THR B 137 -4.95 8.95 5.92
N GLY B 138 -4.02 9.64 6.56
CA GLY B 138 -3.54 9.23 7.86
C GLY B 138 -2.74 7.94 7.81
N THR B 139 -2.84 7.19 8.89
CA THR B 139 -2.04 6.00 9.11
C THR B 139 -2.86 4.85 9.63
N TRP B 140 -4.03 5.09 10.22
CA TRP B 140 -4.80 4.07 10.91
C TRP B 140 -5.04 2.83 10.12
N ARG B 141 -5.27 3.01 8.82
CA ARG B 141 -5.68 1.89 7.94
C ARG B 141 -4.50 1.08 7.49
N ASN B 142 -3.29 1.46 7.94
CA ASN B 142 -2.08 0.71 7.66
C ASN B 142 -1.27 0.41 8.90
N PRO B 143 -1.89 -0.27 9.88
CA PRO B 143 -1.23 -0.74 11.07
C PRO B 143 -0.05 -1.63 10.75
N PHE B 144 0.95 -1.60 11.62
CA PHE B 144 2.15 -2.41 11.50
C PHE B 144 2.21 -3.44 12.62
N ILE B 145 2.47 -4.68 12.27
CA ILE B 145 2.72 -5.74 13.22
C ILE B 145 4.01 -6.37 12.74
N PRO B 146 5.10 -6.30 13.52
CA PRO B 146 6.33 -6.92 13.06
C PRO B 146 6.20 -8.46 13.08
N ALA B 147 6.84 -9.12 12.12
CA ALA B 147 6.84 -10.59 12.11
C ALA B 147 7.92 -11.11 13.04
N TYR B 148 7.56 -12.05 13.90
CA TYR B 148 8.52 -12.70 14.75
C TYR B 148 8.58 -14.15 14.37
N PRO B 149 9.74 -14.78 14.56
CA PRO B 149 9.75 -16.24 14.35
C PRO B 149 8.64 -16.88 15.17
N GLY B 150 7.85 -17.78 14.61
CA GLY B 150 6.81 -18.45 15.33
C GLY B 150 5.41 -17.89 15.17
N ALA B 151 5.26 -16.76 14.49
CA ALA B 151 3.93 -16.15 14.30
C ALA B 151 2.97 -17.14 13.67
N ASP B 152 3.44 -17.93 12.71
CA ASP B 152 2.66 -19.06 12.13
C ASP B 152 2.04 -19.96 13.20
N LEU B 153 2.81 -20.24 14.25
CA LEU B 153 2.38 -21.17 15.29
C LEU B 153 1.36 -20.58 16.28
N PHE B 154 1.47 -19.28 16.55
CA PHE B 154 0.81 -18.71 17.71
C PHE B 154 -0.68 -18.81 17.55
N GLN B 155 -1.28 -19.67 18.37
CA GLN B 155 -2.73 -19.97 18.39
C GLN B 155 -3.58 -18.88 19.07
N GLY B 156 -2.96 -18.06 19.93
CA GLY B 156 -3.66 -17.11 20.82
C GLY B 156 -4.09 -15.88 20.09
N ALA B 157 -4.80 -15.00 20.78
CA ALA B 157 -5.55 -13.93 20.12
C ALA B 157 -4.61 -12.81 19.76
N GLN B 158 -4.85 -12.13 18.65
CA GLN B 158 -3.96 -11.05 18.21
C GLN B 158 -4.80 -9.93 17.71
N LEU B 159 -4.39 -8.74 18.13
CA LEU B 159 -5.18 -7.56 17.97
C LEU B 159 -4.26 -6.41 17.91
N HIS B 160 -4.26 -5.69 16.81
CA HIS B 160 -3.45 -4.46 16.76
C HIS B 160 -4.15 -3.33 17.51
N SER B 161 -3.40 -2.38 18.04
CA SER B 161 -4.03 -1.27 18.76
C SER B 161 -5.14 -0.58 17.96
N ALA B 162 -4.94 -0.44 16.65
CA ALA B 162 -5.96 0.04 15.74
C ALA B 162 -7.34 -0.47 16.07
N HIS B 163 -7.41 -1.73 16.49
CA HIS B 163 -8.68 -2.39 16.79
C HIS B 163 -8.94 -2.66 18.23
N TYR B 164 -8.03 -2.22 19.09
CA TYR B 164 -8.28 -2.38 20.51
C TYR B 164 -9.49 -1.51 20.84
N GLN B 165 -10.41 -2.04 21.64
CA GLN B 165 -11.61 -1.34 22.06
C GLN B 165 -11.69 -1.17 23.57
N SER B 166 -11.62 -2.27 24.30
CA SER B 166 -11.88 -2.33 25.74
C SER B 166 -11.08 -3.50 26.29
N PRO B 167 -10.70 -3.45 27.58
CA PRO B 167 -9.99 -4.54 28.21
C PRO B 167 -10.84 -5.75 28.56
N ALA B 168 -12.14 -5.71 28.31
CA ALA B 168 -13.02 -6.77 28.81
C ALA B 168 -12.67 -8.15 28.24
N PRO B 169 -12.44 -8.23 26.93
CA PRO B 169 -12.15 -9.57 26.37
C PRO B 169 -10.84 -10.15 26.88
N PHE B 170 -9.96 -9.29 27.37
CA PHE B 170 -8.70 -9.75 27.90
C PHE B 170 -8.79 -10.13 29.38
N ALA B 171 -9.99 -10.02 29.92
CA ALA B 171 -10.22 -10.33 31.33
C ALA B 171 -9.58 -11.65 31.67
N GLY B 172 -8.69 -11.59 32.63
CA GLY B 172 -7.99 -12.75 33.10
C GLY B 172 -6.95 -13.33 32.18
N GLN B 173 -6.66 -12.73 31.04
CA GLN B 173 -5.74 -13.37 30.11
C GLN B 173 -4.26 -13.12 30.40
N LYS B 174 -3.40 -14.00 29.92
CA LYS B 174 -1.98 -13.67 29.90
C LYS B 174 -1.75 -12.91 28.60
N VAL B 175 -1.47 -11.61 28.75
CA VAL B 175 -1.37 -10.69 27.64
C VAL B 175 0.00 -10.07 27.49
N LEU B 176 0.47 -10.02 26.26
CA LEU B 176 1.61 -9.20 25.90
C LEU B 176 1.09 -7.97 25.24
N VAL B 177 1.47 -6.82 25.75
CA VAL B 177 1.24 -5.60 25.02
C VAL B 177 2.60 -5.28 24.42
N VAL B 178 2.60 -5.15 23.09
CA VAL B 178 3.81 -5.04 22.35
C VAL B 178 3.90 -3.66 21.74
N GLY B 179 5.03 -3.01 21.99
CA GLY B 179 5.29 -1.71 21.46
C GLY B 179 5.14 -0.69 22.54
N GLY B 180 6.09 0.24 22.55
CA GLY B 180 6.20 1.29 23.56
C GLY B 180 5.40 2.50 23.15
N GLY B 181 5.86 3.67 23.55
CA GLY B 181 5.15 4.89 23.25
C GLY B 181 3.78 4.89 23.88
N ASN B 182 2.99 5.87 23.50
CA ASN B 182 1.74 6.15 24.18
C ASN B 182 0.67 5.08 24.12
N SER B 183 0.49 4.44 22.96
CA SER B 183 -0.58 3.48 22.83
C SER B 183 -0.34 2.27 23.71
N GLY B 184 0.86 1.71 23.64
CA GLY B 184 1.21 0.59 24.46
C GLY B 184 1.05 0.91 25.93
N ALA B 185 1.39 2.13 26.33
CA ALA B 185 1.36 2.45 27.75
C ALA B 185 -0.09 2.63 28.16
N GLN B 186 -0.85 3.35 27.36
CA GLN B 186 -2.26 3.57 27.64
C GLN B 186 -3.10 2.29 27.62
N ILE B 187 -2.73 1.33 26.78
CA ILE B 187 -3.48 0.09 26.63
C ILE B 187 -3.06 -0.85 27.73
N LEU B 188 -1.76 -0.98 27.91
CA LEU B 188 -1.27 -1.71 29.06
C LEU B 188 -1.95 -1.24 30.33
N ALA B 189 -2.02 0.08 30.51
CA ALA B 189 -2.50 0.65 31.77
C ALA B 189 -3.90 0.14 32.04
N GLU B 190 -4.67 0.13 30.97
CA GLU B 190 -6.03 -0.35 31.04
C GLU B 190 -6.15 -1.89 31.12
N VAL B 191 -5.38 -2.61 30.30
CA VAL B 191 -5.52 -4.04 30.27
C VAL B 191 -4.84 -4.70 31.42
N SER B 192 -3.89 -4.02 32.06
CA SER B 192 -3.16 -4.66 33.19
C SER B 192 -4.07 -4.81 34.38
N ARG B 193 -5.12 -4.00 34.42
CA ARG B 193 -6.08 -4.03 35.49
C ARG B 193 -6.87 -5.31 35.46
N VAL B 194 -7.13 -5.86 34.26
CA VAL B 194 -7.98 -7.04 34.15
C VAL B 194 -7.27 -8.30 33.65
N ALA B 195 -5.98 -8.24 33.35
CA ALA B 195 -5.32 -9.37 32.73
C ALA B 195 -3.92 -9.34 33.18
N ASP B 196 -3.20 -10.43 33.00
CA ASP B 196 -1.78 -10.42 33.37
C ASP B 196 -0.94 -10.03 32.16
N CYS B 197 -0.39 -8.82 32.20
CA CYS B 197 0.29 -8.19 31.05
C CYS B 197 1.79 -8.15 31.11
N THR B 198 2.42 -8.29 29.97
CA THR B 198 3.81 -7.90 29.87
C THR B 198 3.93 -6.91 28.73
N TRP B 199 4.59 -5.81 29.02
CA TRP B 199 4.87 -4.78 28.05
C TRP B 199 6.21 -5.15 27.46
N VAL B 200 6.24 -5.34 26.16
CA VAL B 200 7.44 -5.69 25.43
C VAL B 200 7.76 -4.52 24.54
N THR B 201 9.00 -4.05 24.61
CA THR B 201 9.40 -2.83 23.95
C THR B 201 10.81 -3.04 23.48
N THR B 202 11.15 -2.42 22.36
CA THR B 202 12.46 -2.57 21.74
C THR B 202 13.53 -1.87 22.56
N SER B 203 13.14 -0.78 23.23
CA SER B 203 14.04 -0.03 24.10
C SER B 203 13.28 0.30 25.38
N GLU B 204 14.02 0.58 26.44
CA GLU B 204 13.42 1.00 27.68
C GLU B 204 12.58 2.22 27.35
N PRO B 205 11.29 2.18 27.70
CA PRO B 205 10.46 3.33 27.39
C PRO B 205 10.83 4.53 28.27
N ILE B 206 10.57 5.73 27.78
CA ILE B 206 10.97 6.95 28.45
C ILE B 206 9.74 7.77 28.72
N PHE B 207 9.55 8.14 29.96
CA PHE B 207 8.37 8.90 30.35
C PHE B 207 8.66 10.37 30.48
N LEU B 208 7.72 11.17 30.00
CA LEU B 208 7.70 12.58 30.30
C LEU B 208 7.51 12.72 31.80
N PRO B 209 7.89 13.91 32.33
CA PRO B 209 7.59 14.28 33.70
C PRO B 209 6.09 14.34 33.90
N ASP B 210 5.67 14.04 35.13
CA ASP B 210 4.27 13.85 35.46
C ASP B 210 3.39 15.08 35.22
N ASP B 211 3.99 16.26 35.17
CA ASP B 211 3.22 17.52 35.14
C ASP B 211 3.16 18.20 33.77
N VAL B 212 3.56 17.48 32.73
CA VAL B 212 3.52 18.02 31.36
C VAL B 212 2.70 17.11 30.45
N ASP B 213 1.88 17.69 29.59
CA ASP B 213 1.09 16.87 28.68
C ASP B 213 1.77 16.83 27.30
N GLY B 214 1.14 16.15 26.34
CA GLY B 214 1.60 16.08 24.93
C GLY B 214 1.75 17.40 24.15
N ARG B 215 1.31 18.50 24.74
CA ARG B 215 1.76 19.83 24.37
C ARG B 215 3.28 19.88 24.14
N VAL B 216 4.07 19.30 25.06
CA VAL B 216 5.56 19.24 24.90
C VAL B 216 5.95 18.63 23.56
N LEU B 217 5.19 17.64 23.08
CA LEU B 217 5.34 17.16 21.71
C LEU B 217 5.22 18.33 20.73
N PHE B 218 4.13 19.07 20.80
CA PHE B 218 3.97 20.15 19.83
C PHE B 218 5.14 21.12 19.95
N GLN B 219 5.37 21.57 21.19
CA GLN B 219 6.36 22.61 21.49
C GLN B 219 7.79 22.31 21.04
N ARG B 220 8.24 21.07 21.27
CA ARG B 220 9.54 20.63 20.78
C ARG B 220 9.70 20.91 19.28
N ALA B 221 8.64 20.60 18.53
CA ALA B 221 8.67 20.69 17.09
C ALA B 221 8.36 22.10 16.58
N THR B 222 7.92 22.98 17.48
CA THR B 222 7.82 24.38 17.14
C THR B 222 9.22 24.99 17.26
N ASP B 223 9.93 24.65 18.33
CA ASP B 223 11.34 25.05 18.47
C ASP B 223 12.15 24.60 17.23
N ARG B 224 11.99 23.34 16.85
CA ARG B 224 12.66 22.80 15.68
C ARG B 224 12.19 23.46 14.36
N TRP B 225 10.93 23.93 14.27
CA TRP B 225 10.47 24.67 13.08
C TRP B 225 10.84 26.17 13.10
N LYS B 226 11.09 26.70 14.28
CA LYS B 226 11.68 28.04 14.41
C LYS B 226 13.15 27.96 13.97
N ALA B 227 13.76 26.81 14.23
CA ALA B 227 15.15 26.58 13.89
C ALA B 227 15.33 26.45 12.39
N ALA B 228 14.57 25.56 11.74
CA ALA B 228 14.65 25.39 10.26
C ALA B 228 14.37 26.68 9.49
N GLN B 229 13.27 27.35 9.85
CA GLN B 229 12.93 28.66 9.30
C GLN B 229 14.11 29.63 9.43
N GLU B 230 14.46 29.97 10.68
CA GLU B 230 15.47 31.01 10.99
C GLU B 230 16.91 30.63 10.55
N GLY B 231 17.16 29.34 10.36
CA GLY B 231 18.44 28.83 9.87
C GLY B 231 19.40 28.35 10.94
N ARG B 232 19.04 28.52 12.22
CA ARG B 232 19.91 28.13 13.34
C ARG B 232 20.01 26.60 13.54
N GLU B 233 21.09 26.14 14.18
CA GLU B 233 21.32 24.72 14.43
C GLU B 233 20.77 24.33 15.83
N ILE B 234 20.33 23.08 15.98
CA ILE B 234 19.56 22.66 17.19
C ILE B 234 20.03 21.35 17.86
N GLU B 235 19.81 20.22 17.18
CA GLU B 235 20.09 18.87 17.74
C GLU B 235 18.97 17.90 17.35
N GLN B 236 19.26 16.59 17.47
CA GLN B 236 18.27 15.53 17.22
C GLN B 236 17.84 15.50 15.75
N ASP B 243 8.34 9.20 23.40
CA ASP B 243 8.20 9.52 24.83
C ASP B 243 6.74 9.49 25.33
N VAL B 244 6.55 8.90 26.50
CA VAL B 244 5.24 8.61 27.07
C VAL B 244 4.70 9.68 28.01
N VAL B 245 3.61 10.32 27.58
CA VAL B 245 2.86 11.25 28.40
C VAL B 245 2.30 10.49 29.60
N MET B 246 2.36 11.11 30.77
CA MET B 246 1.81 10.54 31.99
C MET B 246 0.33 10.94 32.19
N VAL B 247 -0.48 10.61 31.22
CA VAL B 247 -1.90 10.77 31.35
C VAL B 247 -2.38 10.04 32.62
N PRO B 248 -3.54 10.44 33.18
CA PRO B 248 -4.08 9.76 34.38
C PRO B 248 -3.99 8.19 34.41
N PRO B 249 -4.63 7.48 33.47
CA PRO B 249 -4.55 6.01 33.62
C PRO B 249 -3.13 5.51 33.64
N VAL B 250 -2.29 6.10 32.83
CA VAL B 250 -0.89 5.67 32.76
C VAL B 250 -0.11 5.95 34.08
N LYS B 251 -0.31 7.14 34.64
CA LYS B 251 0.11 7.47 36.01
C LYS B 251 -0.41 6.41 36.99
N GLU B 252 -1.71 6.09 36.94
CA GLU B 252 -2.27 5.08 37.87
C GLU B 252 -1.51 3.78 37.73
N ALA B 253 -1.16 3.43 36.50
CA ALA B 253 -0.50 2.15 36.21
C ALA B 253 0.92 2.11 36.75
N ARG B 254 1.58 3.26 36.79
CA ARG B 254 2.86 3.37 37.47
C ARG B 254 2.72 3.05 38.97
N GLU B 255 1.69 3.62 39.59
CA GLU B 255 1.37 3.43 41.01
C GLU B 255 1.02 1.97 41.35
N ARG B 256 0.37 1.25 40.42
CA ARG B 256 0.21 -0.23 40.52
C ARG B 256 1.47 -1.00 40.09
N GLY B 257 2.64 -0.36 40.02
CA GLY B 257 3.88 -1.00 39.48
C GLY B 257 3.74 -1.86 38.22
N ALA B 258 3.01 -1.37 37.22
CA ALA B 258 2.67 -2.16 36.03
C ALA B 258 3.34 -1.69 34.71
N LEU B 259 4.13 -0.62 34.77
CA LEU B 259 4.77 -0.08 33.59
C LEU B 259 6.17 -0.63 33.42
N HIS B 260 6.46 -1.78 34.02
CA HIS B 260 7.73 -2.41 33.77
C HIS B 260 7.65 -3.07 32.39
N ALA B 261 8.61 -2.70 31.55
CA ALA B 261 8.70 -3.17 30.19
C ALA B 261 9.81 -4.16 30.13
N VAL B 262 9.72 -5.10 29.21
CA VAL B 262 10.81 -5.98 28.92
C VAL B 262 11.10 -5.93 27.43
N ARG B 263 12.18 -6.57 27.02
CA ARG B 263 12.66 -6.52 25.67
C ARG B 263 12.05 -7.61 24.83
N PRO B 264 12.05 -7.44 23.51
CA PRO B 264 11.38 -8.39 22.67
C PRO B 264 11.80 -9.79 22.98
N PHE B 265 10.80 -10.67 22.90
CA PHE B 265 11.03 -12.12 22.89
C PHE B 265 11.67 -12.52 21.57
N THR B 266 12.10 -13.75 21.51
CA THR B 266 12.86 -14.25 20.39
C THR B 266 11.93 -14.88 19.40
N ARG B 267 10.94 -15.59 19.93
CA ARG B 267 9.98 -16.24 19.09
C ARG B 267 8.70 -16.57 19.82
N PHE B 268 7.67 -16.73 19.01
CA PHE B 268 6.45 -17.33 19.45
C PHE B 268 6.62 -18.82 19.42
N THR B 269 5.88 -19.46 20.33
CA THR B 269 5.52 -20.86 20.30
C THR B 269 3.98 -20.91 20.16
N ALA B 270 3.45 -22.11 20.09
CA ALA B 270 2.05 -22.26 19.79
C ALA B 270 1.17 -21.51 20.78
N ASN B 271 1.56 -21.51 22.06
CA ASN B 271 0.79 -20.81 23.09
C ASN B 271 1.61 -19.95 24.01
N GLY B 272 2.73 -19.42 23.51
CA GLY B 272 3.61 -18.62 24.33
C GLY B 272 4.65 -17.89 23.53
N VAL B 273 5.63 -17.35 24.22
CA VAL B 273 6.83 -16.84 23.61
C VAL B 273 8.02 -17.38 24.37
N VAL B 274 9.14 -17.45 23.66
CA VAL B 274 10.40 -17.75 24.30
C VAL B 274 11.16 -16.47 24.23
N TRP B 275 11.70 -16.10 25.40
CA TRP B 275 12.51 -14.91 25.56
C TRP B 275 13.96 -15.25 25.22
N ALA B 276 14.80 -14.22 25.25
CA ALA B 276 16.20 -14.32 24.90
C ALA B 276 16.94 -15.25 25.86
N ASP B 277 16.59 -15.21 27.14
CA ASP B 277 17.25 -16.05 28.15
C ASP B 277 16.89 -17.54 28.00
N GLY B 278 15.96 -17.84 27.11
CA GLY B 278 15.60 -19.22 26.79
C GLY B 278 14.36 -19.68 27.53
N THR B 279 13.94 -18.87 28.49
CA THR B 279 12.72 -19.14 29.24
C THR B 279 11.47 -18.93 28.37
N GLY B 280 10.41 -19.64 28.72
CA GLY B 280 9.12 -19.52 28.03
C GLY B 280 8.11 -18.77 28.88
N SER B 281 7.13 -18.16 28.24
CA SER B 281 5.95 -17.64 28.93
C SER B 281 4.72 -17.96 28.16
N ALA B 282 3.65 -18.20 28.88
CA ALA B 282 2.37 -18.36 28.25
C ALA B 282 1.81 -17.00 27.85
N VAL B 283 1.19 -16.95 26.68
CA VAL B 283 0.55 -15.77 26.19
C VAL B 283 -0.77 -16.14 25.52
N ASP B 284 -1.87 -15.57 26.01
CA ASP B 284 -3.18 -15.81 25.39
C ASP B 284 -3.41 -14.81 24.30
N ALA B 285 -2.95 -13.61 24.53
CA ALA B 285 -3.25 -12.51 23.69
C ALA B 285 -2.04 -11.59 23.56
N VAL B 286 -1.87 -11.09 22.36
CA VAL B 286 -0.91 -10.07 22.08
C VAL B 286 -1.70 -8.90 21.52
N ILE B 287 -1.51 -7.75 22.12
CA ILE B 287 -2.03 -6.55 21.59
C ILE B 287 -0.82 -5.90 20.97
N TRP B 288 -0.86 -5.75 19.66
CA TRP B 288 0.23 -5.07 18.99
C TRP B 288 0.00 -3.60 18.98
N CYS B 289 0.74 -2.90 19.81
CA CYS B 289 0.82 -1.44 19.77
C CYS B 289 2.08 -0.98 19.03
N THR B 290 2.31 -1.57 17.86
CA THR B 290 3.53 -1.39 17.12
C THR B 290 3.37 -0.35 16.01
N GLY B 291 2.26 0.38 16.03
CA GLY B 291 2.13 1.56 15.22
C GLY B 291 1.65 1.25 13.83
N PHE B 292 1.90 2.22 12.96
CA PHE B 292 1.19 2.40 11.73
C PHE B 292 2.12 2.95 10.70
N ARG B 293 1.83 2.60 9.47
CA ARG B 293 2.50 3.21 8.33
C ARG B 293 1.55 4.16 7.68
N PRO B 294 2.05 5.04 6.80
CA PRO B 294 1.18 5.89 6.03
C PRO B 294 0.25 5.08 5.09
N ALA B 295 -1.01 5.45 5.07
CA ALA B 295 -2.05 4.67 4.37
C ALA B 295 -2.27 5.25 2.97
N LEU B 296 -1.31 4.90 2.12
CA LEU B 296 -1.14 5.45 0.78
C LEU B 296 -1.50 4.43 -0.30
N ALA B 297 -2.18 3.36 0.06
CA ALA B 297 -2.62 2.36 -0.90
C ALA B 297 -3.15 2.98 -2.18
N HIS B 298 -3.90 4.07 -2.03
CA HIS B 298 -4.59 4.71 -3.16
C HIS B 298 -3.63 5.45 -4.05
N LEU B 299 -2.34 5.44 -3.70
CA LEU B 299 -1.30 6.11 -4.44
C LEU B 299 -0.35 5.16 -5.06
N GLN B 300 -0.57 3.88 -4.86
CA GLN B 300 0.30 2.88 -5.47
C GLN B 300 0.18 3.01 -6.96
N SER B 301 -1.03 3.28 -7.47
CA SER B 301 -1.23 3.36 -8.90
C SER B 301 -0.42 4.50 -9.57
N LEU B 302 0.05 5.45 -8.77
CA LEU B 302 0.73 6.60 -9.30
C LEU B 302 2.25 6.32 -9.43
N GLY B 303 2.72 5.24 -8.84
CA GLY B 303 4.12 4.90 -8.92
C GLY B 303 5.00 5.73 -7.98
N VAL B 304 4.37 6.58 -7.18
CA VAL B 304 5.11 7.50 -6.34
C VAL B 304 5.55 6.92 -4.98
N ILE B 305 5.06 5.75 -4.64
CA ILE B 305 5.37 5.15 -3.35
C ILE B 305 6.83 4.69 -3.39
N ASN B 306 7.67 5.28 -2.55
CA ASN B 306 9.09 4.98 -2.52
C ASN B 306 9.34 3.64 -1.80
N PRO B 307 10.60 3.16 -1.77
CA PRO B 307 10.87 1.82 -1.19
C PRO B 307 10.54 1.74 0.28
N ASP B 308 10.62 2.88 0.98
CA ASP B 308 10.33 2.95 2.43
C ASP B 308 8.81 3.04 2.72
N GLY B 309 7.97 2.87 1.67
CA GLY B 309 6.50 2.94 1.77
C GLY B 309 5.93 4.33 1.93
N LYS B 310 6.79 5.34 1.71
CA LYS B 310 6.36 6.73 1.75
C LYS B 310 6.47 7.34 0.35
N VAL B 311 6.30 8.65 0.27
CA VAL B 311 6.51 9.43 -0.93
C VAL B 311 7.64 10.40 -0.64
N ASP B 312 8.45 10.67 -1.64
CA ASP B 312 9.47 11.68 -1.56
C ASP B 312 8.82 13.03 -1.67
N LEU B 313 9.20 13.93 -0.76
CA LEU B 313 8.53 15.23 -0.59
C LEU B 313 9.52 16.33 -0.45
N ALA B 314 9.14 17.52 -0.88
CA ALA B 314 9.68 18.74 -0.34
C ALA B 314 8.50 19.38 0.33
N GLY B 315 8.58 19.42 1.65
CA GLY B 315 7.49 19.93 2.45
C GLY B 315 6.40 18.91 2.38
N THR B 316 5.27 19.32 1.79
CA THR B 316 4.11 18.42 1.62
C THR B 316 4.01 17.94 0.23
N ARG B 317 4.92 18.40 -0.61
CA ARG B 317 4.75 18.23 -2.02
C ARG B 317 5.50 17.01 -2.58
N SER B 318 4.80 16.24 -3.44
CA SER B 318 5.44 15.08 -4.07
C SER B 318 6.44 15.56 -5.14
N LEU B 319 7.68 15.15 -4.95
CA LEU B 319 8.71 15.37 -5.94
C LEU B 319 8.39 14.72 -7.31
N GLN B 320 8.05 13.45 -7.32
CA GLN B 320 7.81 12.71 -8.54
C GLN B 320 6.58 13.17 -9.21
N GLU B 321 5.55 13.48 -8.41
CA GLU B 321 4.26 14.01 -8.91
C GLU B 321 3.92 15.31 -8.19
N PRO B 322 4.38 16.42 -8.71
CA PRO B 322 4.09 17.68 -8.05
C PRO B 322 2.62 18.20 -8.03
N ARG B 323 1.65 17.53 -8.66
CA ARG B 323 0.21 17.92 -8.43
C ARG B 323 -0.41 17.17 -7.26
N LEU B 324 0.41 16.34 -6.62
CA LEU B 324 0.05 15.57 -5.43
C LEU B 324 0.73 16.21 -4.19
N TRP B 325 -0.07 16.43 -3.15
CA TRP B 325 0.46 16.82 -1.86
C TRP B 325 0.02 15.78 -0.91
N LEU B 326 0.82 15.61 0.14
CA LEU B 326 0.60 14.66 1.26
C LEU B 326 0.71 15.38 2.57
N LEU B 327 -0.30 15.20 3.39
CA LEU B 327 -0.49 16.02 4.54
C LEU B 327 -0.95 15.14 5.68
N GLY B 328 -0.35 15.35 6.84
CA GLY B 328 -0.89 14.83 8.09
C GLY B 328 -0.40 13.46 8.50
N TYR B 329 0.63 12.96 7.82
CA TYR B 329 1.00 11.58 8.02
C TYR B 329 1.97 11.34 9.18
N GLY B 330 2.86 12.28 9.41
CA GLY B 330 3.89 12.11 10.42
C GLY B 330 4.97 13.14 10.22
N GLU B 331 6.08 12.93 10.93
CA GLU B 331 7.31 13.73 10.87
C GLU B 331 7.85 13.88 9.46
N TRP B 332 7.57 12.88 8.62
CA TRP B 332 8.03 12.92 7.25
C TRP B 332 7.27 13.88 6.33
N THR B 333 6.03 14.21 6.68
CA THR B 333 5.28 15.29 5.98
C THR B 333 5.34 16.64 6.69
N GLY B 334 6.12 16.71 7.77
CA GLY B 334 6.10 17.88 8.65
C GLY B 334 6.09 17.50 10.13
N LEU B 335 7.01 18.14 10.86
CA LEU B 335 7.09 18.02 12.31
C LEU B 335 5.74 18.29 12.93
N ALA B 336 5.25 17.31 13.68
CA ALA B 336 3.93 17.37 14.39
C ALA B 336 2.69 17.37 13.45
N SER B 337 2.87 17.15 12.17
CA SER B 337 1.75 17.16 11.24
C SER B 337 0.69 16.10 11.50
N ALA B 338 1.06 15.03 12.18
CA ALA B 338 0.12 13.98 12.57
C ALA B 338 -0.39 14.23 13.98
N THR B 339 -0.78 15.46 14.25
CA THR B 339 -1.40 15.79 15.54
C THR B 339 -2.46 16.84 15.23
N LEU B 340 -3.48 16.94 16.08
CA LEU B 340 -4.49 17.98 15.91
C LEU B 340 -3.91 19.39 15.83
N ILE B 341 -3.04 19.70 16.76
CA ILE B 341 -2.54 21.06 16.88
C ILE B 341 -1.51 21.30 15.82
N GLY B 342 -0.84 20.23 15.41
CA GLY B 342 0.35 20.42 14.62
C GLY B 342 0.13 20.45 13.15
N VAL B 343 -0.92 19.77 12.70
CA VAL B 343 -1.22 19.60 11.27
C VAL B 343 -1.47 20.93 10.54
N GLY B 344 -1.82 21.97 11.29
CA GLY B 344 -2.10 23.30 10.72
C GLY B 344 -0.97 24.05 10.03
N ARG B 345 0.26 23.90 10.51
CA ARG B 345 1.38 24.54 9.84
C ARG B 345 1.42 23.99 8.40
N SER B 346 1.63 22.68 8.26
CA SER B 346 1.81 22.11 6.97
C SER B 346 0.50 22.21 6.14
N ALA B 347 -0.65 22.21 6.80
CA ALA B 347 -1.90 22.38 6.06
C ALA B 347 -2.02 23.77 5.47
N ARG B 348 -1.57 24.80 6.20
CA ARG B 348 -1.64 26.15 5.66
C ARG B 348 -0.68 26.21 4.50
N ALA B 349 0.56 25.79 4.75
CA ALA B 349 1.59 25.83 3.73
C ALA B 349 1.23 25.00 2.48
N THR B 350 0.57 23.85 2.63
CA THR B 350 0.04 23.07 1.49
C THR B 350 -1.00 23.91 0.71
N ALA B 351 -1.95 24.51 1.44
CA ALA B 351 -2.95 25.30 0.77
C ALA B 351 -2.27 26.40 -0.01
N GLU B 352 -1.33 27.09 0.63
CA GLU B 352 -0.64 28.19 -0.03
C GLU B 352 0.00 27.67 -1.31
N GLU B 353 0.78 26.58 -1.20
CA GLU B 353 1.53 26.06 -2.34
C GLU B 353 0.63 25.62 -3.48
N ILE B 354 -0.49 25.02 -3.10
CA ILE B 354 -1.53 24.61 -4.07
C ILE B 354 -2.22 25.80 -4.73
N ILE B 355 -2.43 26.90 -3.99
CA ILE B 355 -3.05 28.04 -4.60
C ILE B 355 -2.03 28.69 -5.56
N GLN B 356 -0.78 28.79 -5.14
CA GLN B 356 0.31 29.14 -6.08
C GLN B 356 0.26 28.27 -7.36
N TYR B 357 0.26 26.96 -7.20
CA TYR B 357 0.38 26.10 -8.35
C TYR B 357 -0.76 26.39 -9.33
N LEU B 358 -1.97 26.53 -8.80
CA LEU B 358 -3.15 26.66 -9.66
C LEU B 358 -3.32 28.06 -10.23
N ASP B 359 -2.74 29.06 -9.62
CA ASP B 359 -2.97 30.43 -10.00
C ASP B 359 -2.64 30.79 -11.46
PA FAD C . -3.27 -10.09 -12.62
O1A FAD C . -3.51 -10.52 -14.05
O2A FAD C . -3.03 -8.64 -12.29
O5B FAD C . -4.60 -10.47 -11.84
C5B FAD C . -4.96 -9.81 -10.65
C4B FAD C . -6.42 -9.39 -10.77
O4B FAD C . -6.74 -8.97 -9.46
C3B FAD C . -6.63 -8.20 -11.68
O3B FAD C . -7.88 -8.20 -12.37
C2B FAD C . -6.66 -7.00 -10.74
O2B FAD C . -7.44 -5.91 -11.27
C1B FAD C . -7.33 -7.68 -9.56
N9A FAD C . -7.18 -6.94 -8.29
C8A FAD C . -6.12 -6.29 -7.86
N7A FAD C . -6.38 -5.72 -6.67
C5A FAD C . -7.64 -5.99 -6.37
C6A FAD C . -8.53 -5.65 -5.28
N6A FAD C . -8.11 -4.92 -4.24
N1A FAD C . -9.78 -6.11 -5.34
C2A FAD C . -10.21 -6.85 -6.38
N3A FAD C . -9.43 -7.17 -7.41
C4A FAD C . -8.16 -6.78 -7.43
N1 FAD C . 3.52 -14.03 -18.22
C2 FAD C . 3.67 -15.06 -19.08
O2 FAD C . 3.45 -16.24 -18.69
N3 FAD C . 4.03 -14.85 -20.37
C4 FAD C . 4.27 -13.64 -20.87
O4 FAD C . 4.60 -13.52 -22.08
C4X FAD C . 4.11 -12.48 -19.99
N5 FAD C . 4.30 -11.22 -20.43
C5X FAD C . 4.11 -10.18 -19.55
C6 FAD C . 4.29 -8.87 -19.97
C7 FAD C . 4.05 -7.79 -19.12
C7M FAD C . 4.25 -6.38 -19.56
C8 FAD C . 3.68 -8.06 -17.72
C8M FAD C . 3.47 -6.91 -16.80
C9 FAD C . 3.49 -9.35 -17.29
C9A FAD C . 3.67 -10.42 -18.14
N10 FAD C . 3.49 -11.75 -17.72
C10 FAD C . 3.72 -12.77 -18.62
C1' FAD C . 3.18 -12.14 -16.33
C2' FAD C . 1.80 -12.48 -15.82
O2' FAD C . 1.35 -13.64 -16.48
C3' FAD C . 0.94 -11.24 -15.88
O3' FAD C . 1.52 -10.18 -15.07
C4' FAD C . -0.41 -11.51 -15.31
O4' FAD C . -1.03 -10.24 -15.18
C5' FAD C . -0.36 -12.13 -13.93
O5' FAD C . -1.66 -12.60 -13.62
P FAD C . -2.11 -12.57 -12.07
O1P FAD C . -0.93 -12.90 -11.18
O2P FAD C . -3.48 -13.22 -11.95
O3P FAD C . -2.17 -10.98 -11.91
PA FAD D . -7.15 10.21 9.90
O1A FAD D . -7.77 10.73 11.14
O2A FAD D . -7.10 8.74 9.62
O5B FAD D . -8.06 10.75 8.71
C5B FAD D . -7.88 10.27 7.41
C4B FAD D . -9.24 9.92 6.88
O4B FAD D . -9.01 9.46 5.54
C3B FAD D . -9.93 8.78 7.58
O3B FAD D . -11.34 8.97 7.66
C2B FAD D . -9.71 7.58 6.69
O2B FAD D . -10.81 6.66 6.78
C1B FAD D . -9.71 8.26 5.36
N9A FAD D . -9.11 7.44 4.29
C8A FAD D . -8.05 6.62 4.35
N7A FAD D . -7.87 6.04 3.14
C5A FAD D . -8.81 6.50 2.33
C6A FAD D . -9.19 6.26 0.94
N6A FAD D . -8.48 5.44 0.17
N1A FAD D . -10.22 6.92 0.46
C2A FAD D . -10.94 7.76 1.24
N3A FAD D . -10.67 8.01 2.51
C4A FAD D . -9.63 7.39 3.09
N1 FAD D . -2.95 13.50 17.94
C2 FAD D . -3.07 14.54 18.83
O2 FAD D . -2.97 15.73 18.48
N3 FAD D . -3.34 14.31 20.11
C4 FAD D . -3.49 13.07 20.61
O4 FAD D . -3.74 12.87 21.81
C4X FAD D . -3.39 11.94 19.70
N5 FAD D . -3.53 10.69 20.18
C5X FAD D . -3.41 9.66 19.34
C6 FAD D . -3.58 8.37 19.85
C7 FAD D . -3.50 7.28 19.00
C7M FAD D . -3.69 5.89 19.52
C8 FAD D . -3.20 7.48 17.55
C8M FAD D . -3.09 6.28 16.64
C9 FAD D . -3.02 8.76 17.04
C9A FAD D . -3.11 9.88 17.87
N10 FAD D . -2.95 11.20 17.40
C10 FAD D . -3.07 12.23 18.32
C1' FAD D . -2.59 11.54 16.02
C2' FAD D . -3.63 12.03 15.02
O2' FAD D . -4.37 13.14 15.48
C3' FAD D . -4.57 10.94 14.62
O3' FAD D . -3.84 9.83 14.11
C4' FAD D . -5.45 11.42 13.53
O4' FAD D . -6.22 10.32 13.05
C5' FAD D . -4.66 12.02 12.39
O5' FAD D . -5.62 12.57 11.52
P FAD D . -5.46 12.45 9.96
O1P FAD D . -4.03 12.78 9.65
O2P FAD D . -6.57 13.33 9.40
O3P FAD D . -5.70 10.90 9.77
#